data_3QUJ
#
_entry.id   3QUJ
#
_cell.length_a   79.768
_cell.length_b   64.399
_cell.length_c   107.688
_cell.angle_alpha   90.00
_cell.angle_beta   93.52
_cell.angle_gamma   90.00
#
_symmetry.space_group_name_H-M   'P 1 21 1'
#
loop_
_entity.id
_entity.type
_entity.pdbx_description
1 polymer 'PhnD, subunit of alkylphosphonate ABC transporter'
2 non-polymer 'UNKNOWN LIGAND'
3 water water
#
_entity_poly.entity_id   1
_entity_poly.type   'polypeptide(L)'
_entity_poly.pdbx_seq_one_letter_code
;(MSE)HHHHHHGSEEQEKALNFGIISTESQQNLKPQWTPFLQD(MSE)EKKLGVKVNAFFAPDYAGIIQG(MSE)RFNKV
DIAWYGNLSA(MSE)EAVDRANGQVFAQTVAADGSPGYWSVLIVNKDSPINNLNDLLAKRKDLTFGNGDPNSTSGFLVPG
YYVFAKNNISASDFKRTVNAGHETNALAVANKQVDVATNNTENLDKLKTSAPEKLKELKVIWKSPLIPGDPIVWRKNLSE
TTKDKIYDFF(MSE)NYGKTPEEKAVLERLGWAPFRASSDLQLVPIRQLALFKE(MSE)QSVKDNKGLNEQDKLAKTTAI
QAQLDDLDRLNNALSA(MSE)SSVSKAVQ
;
_entity_poly.pdbx_strand_id   A,B,C,D
#
loop_
_chem_comp.id
_chem_comp.type
_chem_comp.name
_chem_comp.formula
UNL non-polymer 'UNKNOWN LIGAND' ?
#
# COMPACT_ATOMS: atom_id res chain seq x y z
N LYS A 14 1.20 -40.91 -5.51
CA LYS A 14 1.18 -40.01 -6.72
C LYS A 14 2.28 -38.92 -6.60
N ALA A 15 2.49 -38.15 -7.68
CA ALA A 15 3.57 -37.17 -7.72
C ALA A 15 3.18 -35.83 -8.38
N LEU A 16 3.68 -34.73 -7.79
CA LEU A 16 3.55 -33.39 -8.34
C LEU A 16 4.83 -32.91 -9.03
N ASN A 17 4.67 -32.25 -10.16
CA ASN A 17 5.81 -31.66 -10.88
C ASN A 17 5.73 -30.12 -10.77
N PHE A 18 6.84 -29.53 -10.32
CA PHE A 18 6.90 -28.14 -9.92
C PHE A 18 7.89 -27.45 -10.86
N GLY A 19 7.37 -26.59 -11.72
CA GLY A 19 8.18 -25.96 -12.75
C GLY A 19 9.04 -24.85 -12.19
N ILE A 20 10.31 -24.88 -12.54
CA ILE A 20 11.22 -23.80 -12.21
C ILE A 20 11.74 -23.12 -13.50
N ILE A 21 11.42 -21.82 -13.61
CA ILE A 21 11.89 -21.00 -14.73
C ILE A 21 13.42 -20.86 -14.70
N SER A 22 14.00 -20.87 -15.92
CA SER A 22 15.43 -20.87 -16.15
C SER A 22 16.05 -19.49 -15.88
N THR A 23 15.82 -18.97 -14.70
CA THR A 23 16.47 -17.69 -14.34
C THR A 23 17.96 -17.90 -14.29
N GLU A 24 18.36 -19.02 -13.69
CA GLU A 24 19.77 -19.37 -13.47
C GLU A 24 19.97 -20.80 -13.97
N SER A 25 21.23 -21.27 -14.01
CA SER A 25 21.55 -22.69 -14.25
C SER A 25 20.92 -23.63 -13.20
N GLN A 26 20.62 -24.86 -13.61
CA GLN A 26 20.12 -25.85 -12.65
C GLN A 26 21.05 -25.94 -11.47
N GLN A 27 22.35 -26.05 -11.74
CA GLN A 27 23.34 -26.19 -10.67
C GLN A 27 23.20 -25.07 -9.65
N ASN A 28 22.89 -23.85 -10.13
CA ASN A 28 22.71 -22.71 -9.21
C ASN A 28 21.32 -22.55 -8.61
N LEU A 29 20.29 -23.13 -9.21
CA LEU A 29 18.94 -23.07 -8.65
C LEU A 29 18.72 -24.12 -7.56
N LYS A 30 19.36 -25.29 -7.73
CA LYS A 30 19.02 -26.46 -6.87
C LYS A 30 19.27 -26.19 -5.38
N PRO A 31 20.40 -25.53 -5.01
CA PRO A 31 20.56 -25.24 -3.59
C PRO A 31 19.42 -24.41 -3.00
N GLN A 32 18.84 -23.47 -3.77
CA GLN A 32 17.72 -22.69 -3.27
C GLN A 32 16.46 -23.56 -3.30
N TRP A 33 16.25 -24.33 -4.36
CA TRP A 33 14.99 -25.02 -4.57
C TRP A 33 14.83 -26.40 -3.91
N THR A 34 15.83 -27.26 -4.01
CA THR A 34 15.74 -28.65 -3.46
C THR A 34 15.21 -28.69 -2.00
N PRO A 35 15.71 -27.81 -1.12
CA PRO A 35 15.19 -27.83 0.24
C PRO A 35 13.75 -27.35 0.32
N PHE A 36 13.34 -26.45 -0.55
CA PHE A 36 11.95 -26.02 -0.54
C PHE A 36 11.02 -27.15 -1.04
N LEU A 37 11.45 -27.82 -2.10
CA LEU A 37 10.67 -28.92 -2.65
C LEU A 37 10.59 -30.19 -1.72
N GLN A 38 11.61 -30.45 -0.90
CA GLN A 38 11.60 -31.58 0.03
C GLN A 38 10.66 -31.28 1.14
N ASP A 39 10.64 -30.03 1.58
CA ASP A 39 9.69 -29.59 2.57
C ASP A 39 8.30 -29.67 2.03
N MSE A 40 8.14 -29.38 0.75
CA MSE A 40 6.83 -29.54 0.13
C MSE A 40 6.45 -31.00 0.13
O MSE A 40 5.29 -31.32 0.44
CB MSE A 40 6.75 -28.97 -1.28
CG MSE A 40 5.34 -28.70 -1.74
SE MSE A 40 5.28 -27.93 -3.59
CE MSE A 40 6.52 -26.45 -3.26
N GLU A 41 7.41 -31.85 -0.20
CA GLU A 41 7.25 -33.31 -0.05
C GLU A 41 6.80 -33.70 1.35
N LYS A 42 7.54 -33.21 2.36
CA LYS A 42 7.30 -33.53 3.78
C LYS A 42 5.85 -33.20 4.21
N LYS A 43 5.38 -31.97 3.93
CA LYS A 43 4.08 -31.51 4.39
C LYS A 43 2.96 -32.16 3.63
N LEU A 44 3.11 -32.24 2.32
CA LEU A 44 2.00 -32.69 1.47
C LEU A 44 1.80 -34.19 1.56
N GLY A 45 2.87 -34.94 1.83
CA GLY A 45 2.84 -36.42 1.80
C GLY A 45 2.72 -37.02 0.41
N VAL A 46 3.21 -36.28 -0.59
CA VAL A 46 3.30 -36.77 -1.95
C VAL A 46 4.71 -36.48 -2.43
N LYS A 47 5.18 -37.23 -3.42
CA LYS A 47 6.48 -36.97 -4.02
C LYS A 47 6.41 -35.64 -4.81
N VAL A 48 7.45 -34.83 -4.71
CA VAL A 48 7.50 -33.56 -5.44
C VAL A 48 8.79 -33.50 -6.27
N ASN A 49 8.66 -33.42 -7.59
CA ASN A 49 9.82 -33.30 -8.49
C ASN A 49 10.02 -31.91 -9.10
N ALA A 50 11.27 -31.43 -9.11
CA ALA A 50 11.64 -30.19 -9.80
C ALA A 50 11.51 -30.50 -11.28
N PHE A 51 10.90 -29.57 -12.04
CA PHE A 51 10.84 -29.68 -13.47
C PHE A 51 11.55 -28.46 -14.08
N PHE A 52 12.70 -28.68 -14.72
CA PHE A 52 13.50 -27.58 -15.35
C PHE A 52 13.32 -27.54 -16.87
N ALA A 53 13.79 -26.46 -17.50
CA ALA A 53 13.69 -26.33 -18.97
C ALA A 53 14.75 -25.34 -19.48
N PRO A 54 15.11 -25.39 -20.79
CA PRO A 54 16.13 -24.39 -21.21
C PRO A 54 15.61 -22.96 -21.35
N ASP A 55 14.30 -22.78 -21.43
CA ASP A 55 13.67 -21.47 -21.59
C ASP A 55 12.28 -21.44 -20.90
N TYR A 56 11.72 -20.25 -20.69
CA TYR A 56 10.48 -20.20 -19.99
C TYR A 56 9.43 -20.99 -20.76
N ALA A 57 9.52 -20.96 -22.08
CA ALA A 57 8.56 -21.64 -22.96
C ALA A 57 8.33 -23.10 -22.54
N GLY A 58 9.42 -23.79 -22.21
CA GLY A 58 9.39 -25.17 -21.74
C GLY A 58 8.49 -25.41 -20.54
N ILE A 59 8.53 -24.51 -19.56
CA ILE A 59 7.59 -24.60 -18.46
C ILE A 59 6.13 -24.34 -18.92
N ILE A 60 5.92 -23.36 -19.78
CA ILE A 60 4.57 -22.98 -20.15
C ILE A 60 3.93 -24.14 -20.94
N GLN A 61 4.65 -24.68 -21.92
CA GLN A 61 4.20 -25.86 -22.68
C GLN A 61 4.08 -27.11 -21.82
N GLY A 62 5.01 -27.26 -20.87
CA GLY A 62 4.98 -28.32 -19.86
C GLY A 62 3.67 -28.32 -19.09
N MSE A 63 3.20 -27.13 -18.71
CA MSE A 63 1.95 -27.00 -17.99
C MSE A 63 0.80 -27.24 -18.91
O MSE A 63 -0.12 -27.96 -18.53
CB MSE A 63 1.82 -25.62 -17.38
CG MSE A 63 0.44 -25.32 -16.80
SE MSE A 63 0.54 -23.86 -15.50
CE MSE A 63 1.59 -24.71 -14.07
N ARG A 64 0.82 -26.63 -20.10
CA ARG A 64 -0.20 -26.94 -21.12
C ARG A 64 -0.36 -28.45 -21.28
N PHE A 65 0.70 -29.22 -21.42
CA PHE A 65 0.52 -30.69 -21.57
C PHE A 65 0.43 -31.47 -20.26
N ASN A 66 0.33 -30.74 -19.15
CA ASN A 66 0.12 -31.37 -17.84
C ASN A 66 1.33 -32.15 -17.32
N LYS A 67 2.52 -31.80 -17.78
CA LYS A 67 3.74 -32.38 -17.23
C LYS A 67 4.19 -31.49 -16.05
N VAL A 68 3.62 -30.30 -15.92
CA VAL A 68 3.98 -29.43 -14.80
C VAL A 68 2.68 -29.20 -14.06
N ASP A 69 2.66 -29.29 -12.72
CA ASP A 69 1.41 -29.11 -12.01
C ASP A 69 1.28 -27.73 -11.39
N ILE A 70 2.42 -27.23 -10.93
CA ILE A 70 2.57 -26.00 -10.21
C ILE A 70 3.89 -25.40 -10.75
N ALA A 71 3.99 -24.07 -10.74
CA ALA A 71 5.21 -23.44 -11.22
C ALA A 71 5.50 -22.09 -10.61
N TRP A 72 6.77 -21.82 -10.46
CA TRP A 72 7.22 -20.45 -10.26
C TRP A 72 7.44 -19.83 -11.63
N TYR A 73 6.73 -18.73 -11.89
CA TYR A 73 6.81 -17.99 -13.19
C TYR A 73 7.08 -16.51 -12.92
N GLY A 74 7.58 -15.81 -13.94
CA GLY A 74 7.46 -14.35 -13.95
C GLY A 74 6.04 -13.94 -14.40
N ASN A 75 5.70 -12.66 -14.24
CA ASN A 75 4.33 -12.23 -14.55
C ASN A 75 3.94 -12.48 -16.00
N LEU A 76 4.91 -12.32 -16.91
CA LEU A 76 4.67 -12.52 -18.35
C LEU A 76 4.45 -14.01 -18.70
N SER A 77 5.35 -14.88 -18.26
CA SER A 77 5.17 -16.32 -18.46
C SER A 77 3.89 -16.80 -17.69
N ALA A 78 3.51 -16.17 -16.57
CA ALA A 78 2.24 -16.51 -15.94
C ALA A 78 1.03 -16.11 -16.77
N MSE A 79 1.13 -14.93 -17.37
CA MSE A 79 0.02 -14.44 -18.17
C MSE A 79 -0.23 -15.38 -19.36
O MSE A 79 -1.37 -15.64 -19.75
CB MSE A 79 0.31 -13.01 -18.64
CG MSE A 79 -0.57 -12.50 -19.79
SE MSE A 79 0.16 -10.75 -20.47
CE MSE A 79 0.86 -10.13 -18.75
N GLU A 80 0.88 -15.85 -19.94
CA GLU A 80 0.87 -16.81 -21.03
C GLU A 80 0.30 -18.14 -20.57
N ALA A 81 0.70 -18.59 -19.39
CA ALA A 81 0.16 -19.80 -18.83
C ALA A 81 -1.35 -19.67 -18.64
N VAL A 82 -1.79 -18.55 -18.08
CA VAL A 82 -3.21 -18.26 -17.95
C VAL A 82 -3.86 -18.33 -19.34
N ASP A 83 -3.28 -17.66 -20.32
CA ASP A 83 -3.97 -17.54 -21.61
C ASP A 83 -3.88 -18.83 -22.41
N ARG A 84 -2.79 -19.60 -22.24
CA ARG A 84 -2.53 -20.69 -23.21
C ARG A 84 -2.53 -22.06 -22.58
N ALA A 85 -2.36 -22.12 -21.26
CA ALA A 85 -1.96 -23.32 -20.60
C ALA A 85 -2.82 -23.61 -19.36
N ASN A 86 -4.07 -23.15 -19.39
CA ASN A 86 -5.06 -23.46 -18.34
C ASN A 86 -4.55 -23.18 -16.91
N GLY A 87 -3.73 -22.15 -16.80
CA GLY A 87 -3.06 -21.80 -15.54
C GLY A 87 -3.92 -20.85 -14.75
N GLN A 88 -3.55 -20.66 -13.46
CA GLN A 88 -4.26 -19.72 -12.62
C GLN A 88 -3.32 -19.28 -11.47
N VAL A 89 -3.20 -17.98 -11.24
CA VAL A 89 -2.36 -17.49 -10.12
C VAL A 89 -3.03 -17.82 -8.74
N PHE A 90 -2.24 -18.22 -7.75
CA PHE A 90 -2.84 -18.38 -6.43
C PHE A 90 -2.03 -17.81 -5.30
N ALA A 91 -0.76 -17.51 -5.51
CA ALA A 91 0.02 -16.85 -4.49
C ALA A 91 1.02 -15.97 -5.20
N GLN A 92 1.66 -15.09 -4.43
CA GLN A 92 2.62 -14.11 -4.97
C GLN A 92 3.79 -14.10 -4.01
N THR A 93 5.00 -14.11 -4.55
CA THR A 93 6.23 -14.01 -3.77
C THR A 93 6.35 -12.65 -3.16
N VAL A 94 7.06 -12.55 -2.06
CA VAL A 94 7.18 -11.26 -1.43
C VAL A 94 8.67 -11.09 -1.13
N ALA A 95 9.26 -10.06 -1.71
CA ALA A 95 10.66 -9.82 -1.51
C ALA A 95 10.94 -9.71 -0.01
N ALA A 96 11.84 -10.56 0.47
CA ALA A 96 12.41 -10.53 1.83
C ALA A 96 12.78 -9.14 2.44
N ASP A 97 13.18 -8.16 1.63
CA ASP A 97 13.43 -6.81 2.20
C ASP A 97 12.24 -5.88 2.13
N GLY A 98 11.08 -6.39 1.72
CA GLY A 98 9.88 -5.58 1.61
C GLY A 98 9.86 -4.60 0.45
N SER A 99 10.71 -4.84 -0.56
CA SER A 99 10.54 -4.14 -1.81
C SER A 99 9.12 -4.46 -2.26
N PRO A 100 8.43 -3.46 -2.83
CA PRO A 100 7.08 -3.69 -3.29
C PRO A 100 7.08 -4.39 -4.63
N GLY A 101 8.25 -4.89 -5.05
CA GLY A 101 8.43 -5.53 -6.36
C GLY A 101 9.92 -5.59 -6.72
N TYR A 102 10.24 -5.60 -8.01
CA TYR A 102 11.64 -5.65 -8.45
C TYR A 102 11.77 -4.85 -9.74
N TRP A 103 12.95 -4.78 -10.34
CA TRP A 103 13.14 -3.90 -11.49
C TRP A 103 13.94 -4.51 -12.63
N SER A 104 13.61 -4.14 -13.87
CA SER A 104 14.42 -4.58 -15.03
C SER A 104 15.63 -3.66 -15.17
N VAL A 105 16.76 -4.15 -15.69
CA VAL A 105 17.97 -3.33 -15.92
C VAL A 105 18.58 -3.64 -17.26
N LEU A 106 19.38 -2.68 -17.78
CA LEU A 106 20.43 -2.95 -18.71
C LEU A 106 21.75 -2.82 -17.97
N ILE A 107 22.63 -3.79 -18.26
CA ILE A 107 24.00 -3.85 -17.76
C ILE A 107 25.04 -3.98 -18.89
N VAL A 108 26.22 -3.49 -18.57
CA VAL A 108 27.43 -3.55 -19.40
C VAL A 108 28.54 -3.78 -18.38
N ASN A 109 29.75 -4.09 -18.87
CA ASN A 109 30.89 -4.31 -18.02
C ASN A 109 31.32 -2.94 -17.43
N LYS A 110 31.86 -2.92 -16.20
CA LYS A 110 32.33 -1.63 -15.60
C LYS A 110 33.30 -0.85 -16.50
N ASP A 111 34.03 -1.57 -17.37
CA ASP A 111 35.03 -1.00 -18.30
C ASP A 111 34.41 -0.47 -19.60
N SER A 112 33.12 -0.64 -19.79
CA SER A 112 32.47 -0.15 -20.99
C SER A 112 32.45 1.37 -21.09
N PRO A 113 32.55 1.91 -22.31
CA PRO A 113 32.30 3.34 -22.35
C PRO A 113 30.80 3.67 -22.46
N ILE A 114 29.99 2.63 -22.71
CA ILE A 114 28.53 2.75 -22.76
C ILE A 114 27.98 3.06 -21.38
N ASN A 115 27.45 4.25 -21.17
CA ASN A 115 27.11 4.66 -19.83
C ASN A 115 25.62 4.82 -19.58
N ASN A 116 24.82 4.81 -20.66
CA ASN A 116 23.42 5.13 -20.58
C ASN A 116 22.73 4.88 -21.91
N LEU A 117 21.44 5.09 -21.93
CA LEU A 117 20.63 4.85 -23.13
C LEU A 117 21.02 5.62 -24.39
N ASN A 118 21.45 6.87 -24.21
CA ASN A 118 21.74 7.68 -25.37
C ASN A 118 22.98 7.08 -26.03
N ASP A 119 23.99 6.71 -25.22
CA ASP A 119 25.20 6.00 -25.69
C ASP A 119 24.81 4.73 -26.45
N LEU A 120 23.91 3.96 -25.85
CA LEU A 120 23.50 2.70 -26.43
C LEU A 120 22.74 2.92 -27.72
N LEU A 121 21.80 3.87 -27.70
CA LEU A 121 21.07 4.11 -28.92
C LEU A 121 22.02 4.53 -30.05
N ALA A 122 22.95 5.42 -29.73
CA ALA A 122 23.87 5.91 -30.78
C ALA A 122 24.83 4.85 -31.36
N LYS A 123 25.15 3.82 -30.58
CA LYS A 123 26.22 2.90 -30.93
C LYS A 123 25.72 1.52 -31.31
N ARG A 124 24.41 1.35 -31.26
CA ARG A 124 23.80 0.06 -31.27
C ARG A 124 24.18 -0.83 -32.43
N LYS A 125 24.38 -0.25 -33.61
CA LYS A 125 24.70 -1.01 -34.81
C LYS A 125 26.12 -1.62 -34.72
N ASP A 126 26.91 -1.08 -33.79
CA ASP A 126 28.26 -1.57 -33.55
C ASP A 126 28.44 -2.35 -32.23
N LEU A 127 27.34 -2.66 -31.54
CA LEU A 127 27.36 -3.39 -30.24
C LEU A 127 26.72 -4.78 -30.29
N THR A 128 27.07 -5.63 -29.32
CA THR A 128 26.47 -6.98 -29.24
C THR A 128 25.49 -6.94 -28.10
N PHE A 129 24.28 -7.44 -28.32
CA PHE A 129 23.23 -7.28 -27.33
C PHE A 129 22.77 -8.63 -26.83
N GLY A 130 22.68 -8.78 -25.51
CA GLY A 130 22.03 -9.99 -24.92
C GLY A 130 20.57 -9.75 -24.51
N ASN A 131 19.66 -10.08 -25.42
CA ASN A 131 18.26 -9.85 -25.17
C ASN A 131 17.84 -11.01 -24.27
N GLY A 132 16.72 -10.83 -23.59
CA GLY A 132 16.24 -11.84 -22.68
C GLY A 132 15.43 -12.95 -23.32
N ASP A 133 15.06 -13.90 -22.47
CA ASP A 133 14.11 -14.95 -22.84
C ASP A 133 12.82 -14.32 -23.38
N PRO A 134 12.33 -14.72 -24.57
CA PRO A 134 11.19 -13.96 -25.10
C PRO A 134 9.89 -14.00 -24.24
N ASN A 135 9.85 -14.86 -23.22
CA ASN A 135 8.73 -14.84 -22.31
C ASN A 135 9.13 -14.18 -20.98
N SER A 136 10.23 -13.45 -20.95
CA SER A 136 10.65 -12.84 -19.69
C SER A 136 10.11 -11.44 -19.52
N THR A 137 9.58 -11.18 -18.32
CA THR A 137 9.03 -9.88 -17.96
C THR A 137 10.12 -8.80 -17.91
N SER A 138 11.08 -9.01 -17.00
CA SER A 138 12.21 -8.10 -16.89
C SER A 138 13.20 -8.27 -18.01
N GLY A 139 13.19 -9.43 -18.69
CA GLY A 139 14.28 -9.70 -19.62
C GLY A 139 13.98 -9.25 -21.04
N PHE A 140 12.70 -9.18 -21.37
CA PHE A 140 12.29 -9.02 -22.73
C PHE A 140 11.21 -7.94 -22.90
N LEU A 141 10.08 -8.15 -22.27
CA LEU A 141 8.95 -7.22 -22.38
C LEU A 141 9.26 -5.78 -21.94
N VAL A 142 9.70 -5.62 -20.70
CA VAL A 142 9.89 -4.30 -20.12
C VAL A 142 10.92 -3.41 -20.86
N PRO A 143 12.15 -3.91 -21.10
CA PRO A 143 13.10 -3.17 -21.96
C PRO A 143 12.61 -3.05 -23.40
N GLY A 144 11.94 -4.11 -23.86
CA GLY A 144 11.22 -4.10 -25.11
C GLY A 144 10.32 -2.89 -25.28
N TYR A 145 9.69 -2.43 -24.20
CA TYR A 145 8.81 -1.27 -24.33
C TYR A 145 9.50 0.07 -24.17
N TYR A 146 10.16 0.25 -23.02
CA TYR A 146 10.67 1.55 -22.62
C TYR A 146 11.95 1.98 -23.31
N VAL A 147 12.82 1.02 -23.55
CA VAL A 147 14.10 1.23 -24.20
C VAL A 147 13.97 1.11 -25.71
N PHE A 148 13.36 0.02 -26.17
CA PHE A 148 13.28 -0.22 -27.62
C PHE A 148 12.07 0.43 -28.28
N ALA A 149 10.88 -0.01 -27.91
CA ALA A 149 9.68 0.49 -28.59
C ALA A 149 9.53 2.00 -28.53
N LYS A 150 9.76 2.57 -27.34
CA LYS A 150 9.56 3.99 -27.08
C LYS A 150 10.52 4.85 -27.90
N ASN A 151 11.73 4.34 -28.11
CA ASN A 151 12.74 5.05 -28.89
C ASN A 151 12.73 4.57 -30.34
N ASN A 152 11.68 3.86 -30.71
CA ASN A 152 11.60 3.14 -32.00
C ASN A 152 12.98 2.83 -32.46
N ILE A 153 13.64 2.00 -31.67
CA ILE A 153 14.78 1.24 -32.13
C ILE A 153 14.35 -0.20 -31.97
N SER A 154 15.16 -1.13 -32.46
CA SER A 154 14.78 -2.54 -32.48
C SER A 154 16.01 -3.41 -32.18
N ALA A 155 15.78 -4.64 -31.73
CA ALA A 155 16.88 -5.43 -31.23
C ALA A 155 17.74 -5.93 -32.37
N SER A 156 17.08 -6.14 -33.50
CA SER A 156 17.72 -6.47 -34.77
C SER A 156 18.80 -5.47 -35.21
N ASP A 157 18.84 -4.28 -34.60
CA ASP A 157 19.79 -3.24 -35.02
C ASP A 157 21.21 -3.58 -34.65
N PHE A 158 21.33 -4.26 -33.52
CA PHE A 158 22.64 -4.56 -32.93
C PHE A 158 23.47 -5.40 -33.90
N LYS A 159 24.79 -5.36 -33.74
CA LYS A 159 25.69 -6.15 -34.57
C LYS A 159 25.30 -7.63 -34.44
N ARG A 160 24.90 -8.03 -33.23
CA ARG A 160 24.65 -9.41 -32.88
C ARG A 160 23.65 -9.36 -31.75
N THR A 161 22.59 -10.15 -31.82
CA THR A 161 21.61 -10.19 -30.74
C THR A 161 21.17 -11.63 -30.41
N VAL A 162 21.04 -11.94 -29.10
CA VAL A 162 20.81 -13.30 -28.64
C VAL A 162 19.76 -13.27 -27.55
N ASN A 163 18.80 -14.19 -27.53
CA ASN A 163 17.89 -14.27 -26.40
C ASN A 163 18.48 -15.26 -25.41
N ALA A 164 18.75 -14.81 -24.19
CA ALA A 164 19.29 -15.73 -23.16
C ALA A 164 18.69 -15.51 -21.76
N GLY A 165 18.78 -16.52 -20.89
CA GLY A 165 18.33 -16.40 -19.49
C GLY A 165 19.12 -15.37 -18.69
N HIS A 166 18.62 -14.96 -17.52
CA HIS A 166 19.29 -13.86 -16.81
C HIS A 166 20.76 -14.13 -16.43
N GLU A 167 21.04 -15.24 -15.73
CA GLU A 167 22.40 -15.63 -15.35
C GLU A 167 23.36 -15.62 -16.54
N THR A 168 22.94 -16.25 -17.66
CA THR A 168 23.70 -16.33 -18.89
C THR A 168 24.12 -14.95 -19.41
N ASN A 169 23.15 -14.03 -19.47
CA ASN A 169 23.37 -12.66 -19.89
C ASN A 169 24.26 -11.96 -18.87
N ALA A 170 24.06 -12.23 -17.58
CA ALA A 170 24.85 -11.47 -16.60
C ALA A 170 26.28 -11.99 -16.61
N LEU A 171 26.45 -13.30 -16.88
CA LEU A 171 27.82 -13.84 -16.94
C LEU A 171 28.56 -13.44 -18.23
N ALA A 172 27.83 -13.31 -19.32
CA ALA A 172 28.42 -12.94 -20.57
C ALA A 172 28.87 -11.47 -20.53
N VAL A 173 28.10 -10.59 -19.92
CA VAL A 173 28.58 -9.23 -19.73
C VAL A 173 29.88 -9.16 -18.89
N ALA A 174 29.83 -9.81 -17.73
CA ALA A 174 30.90 -9.88 -16.76
C ALA A 174 32.21 -10.40 -17.35
N ASN A 175 32.09 -11.38 -18.22
CA ASN A 175 33.20 -11.95 -18.93
C ASN A 175 33.53 -11.25 -20.24
N LYS A 176 33.02 -10.02 -20.41
CA LYS A 176 33.31 -9.22 -21.55
C LYS A 176 32.97 -9.93 -22.87
N GLN A 177 31.98 -10.84 -22.87
CA GLN A 177 31.62 -11.62 -24.06
C GLN A 177 30.44 -11.07 -24.91
N VAL A 178 29.75 -10.06 -24.41
CA VAL A 178 28.64 -9.35 -25.07
C VAL A 178 28.69 -7.93 -24.53
N ASP A 179 28.35 -6.94 -25.35
CA ASP A 179 28.54 -5.56 -24.89
C ASP A 179 27.50 -5.12 -23.83
N VAL A 180 26.26 -5.54 -24.05
CA VAL A 180 25.13 -5.06 -23.22
C VAL A 180 24.08 -6.13 -23.16
N ALA A 181 23.41 -6.21 -22.02
CA ALA A 181 22.32 -7.16 -21.83
C ALA A 181 21.23 -6.72 -20.88
N THR A 182 20.11 -7.38 -20.99
CA THR A 182 19.04 -7.14 -20.05
C THR A 182 19.31 -8.03 -18.86
N ASN A 183 18.73 -7.62 -17.73
CA ASN A 183 18.74 -8.42 -16.55
C ASN A 183 17.68 -7.85 -15.60
N ASN A 184 17.79 -8.22 -14.33
CA ASN A 184 16.92 -7.69 -13.28
C ASN A 184 17.60 -7.70 -11.92
N THR A 185 17.06 -6.91 -11.01
CA THR A 185 17.66 -6.68 -9.70
C THR A 185 17.61 -7.91 -8.79
N GLU A 186 16.63 -8.79 -9.00
CA GLU A 186 16.65 -10.04 -8.22
C GLU A 186 17.85 -10.93 -8.64
N ASN A 187 17.95 -11.17 -9.92
CA ASN A 187 19.02 -11.98 -10.43
C ASN A 187 20.43 -11.42 -10.15
N LEU A 188 20.56 -10.09 -10.08
CA LEU A 188 21.83 -9.48 -9.66
C LEU A 188 22.17 -9.86 -8.22
N ASP A 189 21.16 -9.93 -7.34
CA ASP A 189 21.40 -10.39 -5.97
C ASP A 189 21.66 -11.90 -5.91
N LYS A 190 21.10 -12.64 -6.86
CA LYS A 190 21.43 -14.04 -6.98
C LYS A 190 22.86 -14.25 -7.38
N LEU A 191 23.34 -13.37 -8.27
CA LEU A 191 24.69 -13.44 -8.76
C LEU A 191 25.68 -13.15 -7.64
N LYS A 192 25.23 -12.40 -6.64
CA LYS A 192 26.04 -12.09 -5.48
C LYS A 192 26.48 -13.40 -4.84
N THR A 193 25.63 -14.42 -4.95
CA THR A 193 25.83 -15.69 -4.26
C THR A 193 26.48 -16.72 -5.17
N SER A 194 26.11 -16.75 -6.43
CA SER A 194 26.61 -17.81 -7.28
C SER A 194 27.92 -17.47 -7.95
N ALA A 195 28.24 -16.18 -8.02
CA ALA A 195 29.41 -15.70 -8.75
C ALA A 195 29.77 -14.29 -8.32
N PRO A 196 30.17 -14.10 -7.05
CA PRO A 196 30.34 -12.76 -6.51
C PRO A 196 31.39 -11.90 -7.22
N GLU A 197 32.52 -12.48 -7.61
CA GLU A 197 33.55 -11.72 -8.33
C GLU A 197 33.07 -11.26 -9.69
N LYS A 198 32.15 -12.02 -10.28
CA LYS A 198 31.49 -11.62 -11.53
C LYS A 198 30.49 -10.46 -11.39
N LEU A 199 29.71 -10.44 -10.31
CA LEU A 199 28.82 -9.29 -10.06
C LEU A 199 29.61 -7.98 -9.98
N LYS A 200 30.80 -8.05 -9.37
CA LYS A 200 31.75 -6.95 -9.23
C LYS A 200 32.15 -6.34 -10.58
N GLU A 201 31.89 -7.08 -11.65
CA GLU A 201 32.34 -6.72 -12.96
C GLU A 201 31.25 -5.93 -13.74
N LEU A 202 30.02 -5.87 -13.20
CA LEU A 202 28.87 -5.22 -13.91
C LEU A 202 28.41 -3.86 -13.42
N LYS A 203 27.82 -3.14 -14.35
CA LYS A 203 27.41 -1.77 -14.16
C LYS A 203 25.97 -1.66 -14.69
N VAL A 204 25.06 -1.17 -13.86
CA VAL A 204 23.68 -0.97 -14.31
C VAL A 204 23.63 0.38 -15.04
N ILE A 205 23.25 0.37 -16.30
CA ILE A 205 23.20 1.65 -17.03
C ILE A 205 21.77 2.20 -17.26
N TRP A 206 20.75 1.40 -16.90
CA TRP A 206 19.33 1.78 -17.05
C TRP A 206 18.50 0.88 -16.13
N LYS A 207 17.43 1.47 -15.59
CA LYS A 207 16.50 0.78 -14.68
C LYS A 207 15.01 1.12 -15.01
N SER A 208 14.22 0.06 -15.24
CA SER A 208 12.79 0.19 -15.52
C SER A 208 11.96 0.76 -14.33
N PRO A 209 10.66 1.11 -14.56
CA PRO A 209 9.70 1.21 -13.45
C PRO A 209 9.48 -0.12 -12.70
N LEU A 210 8.82 -0.04 -11.53
CA LEU A 210 8.55 -1.20 -10.67
C LEU A 210 7.78 -2.31 -11.37
N ILE A 211 8.23 -3.53 -11.16
CA ILE A 211 7.49 -4.72 -11.59
C ILE A 211 6.99 -5.46 -10.31
N PRO A 212 5.74 -5.95 -10.31
CA PRO A 212 5.21 -6.71 -9.13
C PRO A 212 5.92 -8.08 -8.92
N GLY A 213 5.94 -8.59 -7.67
CA GLY A 213 6.54 -9.90 -7.38
C GLY A 213 5.98 -10.99 -8.29
N ASP A 214 6.80 -11.98 -8.60
CA ASP A 214 6.40 -13.21 -9.26
C ASP A 214 5.18 -13.92 -8.61
N PRO A 215 4.26 -14.46 -9.44
CA PRO A 215 3.18 -15.38 -9.06
C PRO A 215 3.68 -16.82 -8.98
N ILE A 216 3.03 -17.60 -8.11
CA ILE A 216 3.02 -19.03 -8.19
C ILE A 216 1.67 -19.38 -8.83
N VAL A 217 1.69 -20.33 -9.75
CA VAL A 217 0.57 -20.61 -10.58
C VAL A 217 0.30 -22.11 -10.63
N TRP A 218 -0.96 -22.53 -10.79
CA TRP A 218 -1.22 -23.97 -10.90
C TRP A 218 -2.09 -24.22 -12.10
N ARG A 219 -2.15 -25.46 -12.56
CA ARG A 219 -3.17 -25.82 -13.55
C ARG A 219 -4.53 -25.99 -12.87
N LYS A 220 -5.59 -25.48 -13.50
CA LYS A 220 -6.89 -25.39 -12.87
C LYS A 220 -7.65 -26.72 -12.88
N ASN A 221 -7.18 -27.71 -13.66
CA ASN A 221 -7.79 -29.04 -13.64
C ASN A 221 -7.21 -29.93 -12.55
N LEU A 222 -6.38 -29.41 -11.65
CA LEU A 222 -5.92 -30.21 -10.49
C LEU A 222 -7.11 -30.47 -9.60
N SER A 223 -7.13 -31.58 -8.87
CA SER A 223 -8.30 -31.88 -8.03
C SER A 223 -8.41 -30.85 -6.95
N GLU A 224 -9.62 -30.74 -6.39
CA GLU A 224 -9.88 -29.82 -5.34
C GLU A 224 -9.05 -30.11 -4.10
N THR A 225 -8.77 -31.39 -3.85
CA THR A 225 -7.98 -31.80 -2.69
C THR A 225 -6.54 -31.36 -2.84
N THR A 226 -6.01 -31.57 -4.03
CA THR A 226 -4.66 -31.19 -4.32
C THR A 226 -4.53 -29.66 -4.24
N LYS A 227 -5.48 -28.94 -4.85
CA LYS A 227 -5.49 -27.46 -4.77
C LYS A 227 -5.46 -26.95 -3.33
N ASP A 228 -6.30 -27.53 -2.49
CA ASP A 228 -6.33 -27.19 -1.09
C ASP A 228 -5.00 -27.38 -0.38
N LYS A 229 -4.47 -28.60 -0.42
CA LYS A 229 -3.11 -28.93 0.05
C LYS A 229 -1.99 -28.00 -0.48
N ILE A 230 -1.97 -27.75 -1.79
CA ILE A 230 -0.98 -26.78 -2.31
C ILE A 230 -1.13 -25.38 -1.68
N TYR A 231 -2.38 -24.94 -1.56
CA TYR A 231 -2.72 -23.56 -1.18
C TYR A 231 -2.41 -23.41 0.31
N ASP A 232 -2.81 -24.41 1.09
CA ASP A 232 -2.50 -24.41 2.53
C ASP A 232 -1.00 -24.37 2.84
N PHE A 233 -0.22 -25.13 2.09
CA PHE A 233 1.23 -25.15 2.17
C PHE A 233 1.86 -23.78 1.88
N PHE A 234 1.50 -23.16 0.75
CA PHE A 234 2.01 -21.83 0.46
C PHE A 234 1.66 -20.84 1.52
N MSE A 235 0.39 -20.75 1.90
CA MSE A 235 -0.06 -19.77 2.89
C MSE A 235 0.55 -19.92 4.27
O MSE A 235 0.64 -18.96 5.02
CB MSE A 235 -1.58 -19.78 3.02
CG MSE A 235 -2.34 -19.46 1.72
SE MSE A 235 -1.96 -17.65 1.07
CE MSE A 235 -0.47 -17.95 -0.14
N ASN A 236 0.94 -21.14 4.64
CA ASN A 236 1.48 -21.43 5.97
C ASN A 236 2.99 -21.63 6.03
N TYR A 237 3.67 -21.62 4.89
CA TYR A 237 5.11 -21.80 4.94
C TYR A 237 5.81 -20.59 5.58
N GLY A 238 6.85 -20.85 6.37
CA GLY A 238 7.74 -19.77 6.83
C GLY A 238 7.60 -19.41 8.28
N LYS A 239 6.85 -20.22 9.02
CA LYS A 239 6.63 -19.94 10.43
C LYS A 239 7.75 -20.47 11.35
N THR A 240 8.40 -21.56 10.97
CA THR A 240 9.49 -22.11 11.78
C THR A 240 10.83 -21.56 11.30
N PRO A 241 11.83 -21.52 12.21
CA PRO A 241 13.21 -21.15 11.82
C PRO A 241 13.76 -21.86 10.53
N GLU A 242 13.56 -23.17 10.36
CA GLU A 242 14.11 -23.86 9.18
C GLU A 242 13.47 -23.43 7.84
N GLU A 243 12.15 -23.19 7.87
CA GLU A 243 11.40 -22.72 6.72
C GLU A 243 11.77 -21.29 6.39
N LYS A 244 11.80 -20.44 7.41
CA LYS A 244 12.16 -19.03 7.28
C LYS A 244 13.50 -18.88 6.55
N ALA A 245 14.42 -19.78 6.85
CA ALA A 245 15.73 -19.87 6.22
C ALA A 245 15.58 -20.19 4.76
N VAL A 246 14.78 -21.22 4.47
CA VAL A 246 14.57 -21.69 3.10
C VAL A 246 14.07 -20.56 2.24
N LEU A 247 13.17 -19.75 2.81
CA LEU A 247 12.65 -18.57 2.11
C LEU A 247 13.67 -17.49 1.85
N GLU A 248 14.48 -17.16 2.86
CA GLU A 248 15.55 -16.17 2.69
C GLU A 248 16.53 -16.50 1.58
N ARG A 249 16.97 -17.75 1.50
CA ARG A 249 17.87 -18.18 0.43
C ARG A 249 17.24 -17.81 -0.91
N LEU A 250 15.92 -17.89 -0.98
CA LEU A 250 15.22 -17.68 -2.22
C LEU A 250 15.01 -16.19 -2.46
N GLY A 251 15.22 -15.39 -1.43
CA GLY A 251 15.04 -13.96 -1.55
C GLY A 251 13.69 -13.53 -1.02
N TRP A 252 12.97 -14.46 -0.41
CA TRP A 252 11.54 -14.25 -0.12
C TRP A 252 11.21 -14.28 1.37
N ALA A 253 10.30 -13.39 1.76
CA ALA A 253 9.46 -13.61 2.95
C ALA A 253 8.34 -14.60 2.58
N PRO A 254 7.45 -14.93 3.54
CA PRO A 254 6.30 -15.81 3.25
C PRO A 254 5.41 -15.30 2.09
N PHE A 255 4.72 -16.22 1.43
CA PHE A 255 3.94 -15.88 0.26
C PHE A 255 2.72 -15.10 0.69
N ARG A 256 2.14 -14.43 -0.28
CA ARG A 256 0.91 -13.72 -0.10
C ARG A 256 -0.09 -14.40 -1.02
N ALA A 257 -1.32 -14.50 -0.55
CA ALA A 257 -2.42 -14.87 -1.40
C ALA A 257 -2.50 -13.98 -2.66
N SER A 258 -2.95 -14.51 -3.79
CA SER A 258 -3.04 -13.67 -4.99
C SER A 258 -3.95 -14.34 -6.01
N SER A 259 -4.10 -13.72 -7.16
CA SER A 259 -5.03 -14.13 -8.16
C SER A 259 -4.46 -13.55 -9.42
N ASP A 260 -5.10 -13.91 -10.53
CA ASP A 260 -4.82 -13.36 -11.84
C ASP A 260 -4.86 -11.85 -11.89
N LEU A 261 -5.41 -11.20 -10.85
CA LEU A 261 -5.49 -9.73 -10.85
C LEU A 261 -4.15 -9.07 -10.76
N GLN A 262 -3.17 -9.78 -10.22
CA GLN A 262 -1.84 -9.19 -10.09
C GLN A 262 -1.17 -8.97 -11.44
N LEU A 263 -1.70 -9.61 -12.46
CA LEU A 263 -1.09 -9.58 -13.76
C LEU A 263 -1.45 -8.32 -14.48
N VAL A 264 -2.51 -7.64 -14.01
CA VAL A 264 -3.06 -6.51 -14.76
C VAL A 264 -2.05 -5.52 -15.44
N PRO A 265 -1.05 -5.00 -14.71
CA PRO A 265 -0.18 -3.98 -15.35
C PRO A 265 0.76 -4.54 -16.39
N ILE A 266 1.05 -5.82 -16.26
CA ILE A 266 1.84 -6.54 -17.21
C ILE A 266 0.98 -6.77 -18.46
N ARG A 267 -0.33 -6.99 -18.31
CA ARG A 267 -1.19 -6.99 -19.49
C ARG A 267 -1.18 -5.61 -20.15
N GLN A 268 -1.08 -4.55 -19.33
CA GLN A 268 -1.21 -3.18 -19.81
C GLN A 268 0.04 -2.84 -20.58
N LEU A 269 1.16 -3.23 -20.00
CA LEU A 269 2.47 -3.07 -20.62
C LEU A 269 2.59 -3.77 -21.96
N ALA A 270 2.10 -5.02 -22.02
CA ALA A 270 2.11 -5.74 -23.28
C ALA A 270 1.24 -5.08 -24.35
N LEU A 271 0.08 -4.56 -23.96
CA LEU A 271 -0.74 -3.84 -24.90
C LEU A 271 -0.14 -2.46 -25.23
N PHE A 272 0.49 -1.76 -24.29
CA PHE A 272 1.18 -0.50 -24.65
C PHE A 272 2.17 -0.75 -25.80
N LYS A 273 2.88 -1.87 -25.69
CA LYS A 273 3.96 -2.15 -26.59
C LYS A 273 3.38 -2.53 -27.94
N GLU A 274 2.34 -3.36 -27.93
CA GLU A 274 1.66 -3.75 -29.16
C GLU A 274 1.15 -2.49 -29.91
N MSE A 275 0.76 -1.46 -29.16
CA MSE A 275 0.23 -0.27 -29.80
C MSE A 275 1.27 0.59 -30.49
O MSE A 275 1.04 1.09 -31.59
CB MSE A 275 -0.51 0.56 -28.78
CG MSE A 275 -1.98 0.33 -28.89
SE MSE A 275 -2.64 1.76 -29.97
CE MSE A 275 -2.23 3.13 -28.59
N GLN A 276 2.39 0.79 -29.79
CA GLN A 276 3.56 1.39 -30.35
C GLN A 276 3.91 0.69 -31.68
N SER A 277 4.08 -0.63 -31.67
CA SER A 277 4.33 -1.41 -32.90
C SER A 277 3.34 -1.12 -34.02
N VAL A 278 2.05 -1.24 -33.69
CA VAL A 278 0.99 -1.09 -34.66
C VAL A 278 1.01 0.29 -35.30
N LYS A 279 1.27 1.32 -34.50
CA LYS A 279 1.24 2.65 -35.04
C LYS A 279 2.42 2.89 -35.96
N ASP A 280 3.58 2.37 -35.55
CA ASP A 280 4.84 2.42 -36.31
C ASP A 280 4.76 1.67 -37.63
N ASN A 281 3.89 0.66 -37.72
CA ASN A 281 3.55 0.05 -39.01
C ASN A 281 2.52 0.90 -39.75
N LYS A 289 -7.43 5.60 -39.05
CA LYS A 289 -7.34 4.82 -37.81
C LYS A 289 -7.70 3.33 -37.96
N LEU A 290 -6.76 2.47 -37.54
CA LEU A 290 -6.82 1.03 -37.78
C LEU A 290 -7.81 0.35 -36.84
N ALA A 291 -8.43 -0.74 -37.28
CA ALA A 291 -9.29 -1.53 -36.37
C ALA A 291 -8.47 -2.06 -35.21
N LYS A 292 -7.29 -2.58 -35.53
CA LYS A 292 -6.36 -3.12 -34.55
C LYS A 292 -6.14 -2.13 -33.42
N THR A 293 -5.91 -0.85 -33.73
CA THR A 293 -5.70 0.04 -32.62
C THR A 293 -6.94 0.14 -31.74
N THR A 294 -8.14 0.05 -32.32
CA THR A 294 -9.37 0.08 -31.50
C THR A 294 -9.57 -1.19 -30.68
N ALA A 295 -9.25 -2.35 -31.23
CA ALA A 295 -9.38 -3.55 -30.41
C ALA A 295 -8.47 -3.48 -29.17
N ILE A 296 -7.29 -2.90 -29.34
CA ILE A 296 -6.30 -2.76 -28.27
C ILE A 296 -6.69 -1.67 -27.30
N GLN A 297 -7.19 -0.52 -27.80
CA GLN A 297 -7.70 0.51 -26.91
C GLN A 297 -8.87 -0.05 -26.07
N ALA A 298 -9.76 -0.83 -26.67
CA ALA A 298 -10.79 -1.51 -25.90
C ALA A 298 -10.17 -2.21 -24.71
N GLN A 299 -9.21 -3.08 -24.97
CA GLN A 299 -8.56 -3.87 -23.94
C GLN A 299 -7.94 -2.99 -22.86
N LEU A 300 -7.25 -1.91 -23.23
CA LEU A 300 -6.71 -0.92 -22.30
C LEU A 300 -7.74 -0.25 -21.41
N ASP A 301 -8.90 0.04 -21.98
CA ASP A 301 -9.94 0.72 -21.23
C ASP A 301 -10.47 -0.26 -20.17
N ASP A 302 -10.70 -1.50 -20.58
CA ASP A 302 -11.13 -2.53 -19.63
C ASP A 302 -10.18 -2.57 -18.44
N LEU A 303 -8.87 -2.43 -18.66
CA LEU A 303 -7.90 -2.61 -17.59
C LEU A 303 -7.80 -1.36 -16.74
N ASP A 304 -7.95 -0.20 -17.40
CA ASP A 304 -8.02 1.08 -16.69
CA ASP A 304 -8.04 1.10 -16.72
C ASP A 304 -9.18 1.05 -15.73
N ARG A 305 -10.35 0.63 -16.22
CA ARG A 305 -11.57 0.64 -15.37
C ARG A 305 -11.37 -0.30 -14.18
N LEU A 306 -10.75 -1.45 -14.44
CA LEU A 306 -10.53 -2.44 -13.37
C LEU A 306 -9.52 -1.91 -12.35
N ASN A 307 -8.39 -1.36 -12.81
CA ASN A 307 -7.52 -0.58 -11.92
C ASN A 307 -8.25 0.45 -11.03
N ASN A 308 -9.14 1.26 -11.61
CA ASN A 308 -9.89 2.19 -10.78
C ASN A 308 -10.69 1.41 -9.70
N ALA A 309 -11.30 0.29 -10.09
CA ALA A 309 -12.13 -0.46 -9.13
C ALA A 309 -11.29 -0.95 -7.96
N LEU A 310 -10.16 -1.58 -8.27
CA LEU A 310 -9.25 -2.12 -7.29
C LEU A 310 -8.79 -1.08 -6.23
N SER A 311 -8.52 0.15 -6.69
CA SER A 311 -8.15 1.24 -5.77
C SER A 311 -9.34 1.70 -4.93
N ALA A 312 -10.51 1.76 -5.57
CA ALA A 312 -11.72 2.25 -4.91
C ALA A 312 -12.31 1.24 -3.92
N MSE A 313 -11.93 -0.04 -4.02
CA MSE A 313 -12.49 -1.10 -3.14
C MSE A 313 -12.27 -0.92 -1.64
O MSE A 313 -11.12 -0.91 -1.18
CB MSE A 313 -11.88 -2.44 -3.46
CG MSE A 313 -12.47 -3.11 -4.63
SE MSE A 313 -11.67 -4.84 -4.52
CE MSE A 313 -13.13 -5.79 -3.58
N SER A 314 -13.36 -0.86 -0.89
CA SER A 314 -13.35 -0.61 0.55
C SER A 314 -12.86 -1.82 1.33
N SER A 315 -13.81 -2.63 1.80
CA SER A 315 -13.49 -3.85 2.55
C SER A 315 -14.19 -5.02 1.91
N VAL A 316 -13.79 -6.22 2.34
CA VAL A 316 -14.29 -7.44 1.76
C VAL A 316 -14.33 -8.53 2.82
N SER A 317 -15.42 -8.61 3.58
CA SER A 317 -15.59 -9.74 4.53
C SER A 317 -16.14 -10.96 3.80
N LYS A 318 -15.89 -12.15 4.38
CA LYS A 318 -16.67 -13.34 4.06
C LYS A 318 -18.15 -13.03 4.31
N ALA A 319 -18.98 -13.29 3.30
CA ALA A 319 -20.40 -13.44 3.54
C ALA A 319 -20.56 -14.37 4.76
N VAL A 320 -21.25 -13.86 5.78
CA VAL A 320 -21.50 -14.63 7.00
C VAL A 320 -22.27 -15.92 6.72
N GLN A 321 -21.68 -17.06 7.04
CA GLN A 321 -22.36 -18.32 6.85
C GLN A 321 -23.43 -18.52 7.95
N LYS B 14 -27.92 7.82 -31.24
CA LYS B 14 -28.38 6.39 -31.19
C LYS B 14 -28.94 6.15 -29.79
N ALA B 15 -30.17 5.64 -29.66
CA ALA B 15 -30.88 5.65 -28.35
C ALA B 15 -30.33 4.65 -27.31
N LEU B 16 -30.14 5.08 -26.05
CA LEU B 16 -29.66 4.20 -24.96
C LEU B 16 -30.80 3.82 -24.05
N ASN B 17 -30.98 2.53 -23.80
CA ASN B 17 -32.01 2.04 -22.89
C ASN B 17 -31.45 1.74 -21.48
N PHE B 18 -32.02 2.41 -20.48
CA PHE B 18 -31.44 2.38 -19.15
C PHE B 18 -32.39 1.65 -18.19
N GLY B 19 -32.01 0.45 -17.71
CA GLY B 19 -32.95 -0.37 -16.94
C GLY B 19 -33.01 -0.01 -15.46
N ILE B 20 -34.20 -0.06 -14.87
CA ILE B 20 -34.40 0.36 -13.49
C ILE B 20 -35.28 -0.70 -12.86
N ILE B 21 -34.76 -1.37 -11.82
CA ILE B 21 -35.48 -2.50 -11.20
C ILE B 21 -36.73 -2.01 -10.50
N SER B 22 -37.70 -2.89 -10.45
CA SER B 22 -39.03 -2.55 -9.94
C SER B 22 -39.09 -2.62 -8.45
N THR B 23 -38.23 -1.84 -7.78
CA THR B 23 -38.32 -1.65 -6.34
C THR B 23 -39.67 -0.99 -5.91
N GLU B 24 -40.06 0.07 -6.60
CA GLU B 24 -41.27 0.79 -6.31
C GLU B 24 -42.10 0.82 -7.57
N SER B 25 -43.34 1.30 -7.47
CA SER B 25 -44.11 1.66 -8.65
C SER B 25 -43.42 2.66 -9.57
N GLN B 26 -43.67 2.55 -10.87
CA GLN B 26 -43.20 3.60 -11.76
C GLN B 26 -43.45 5.00 -11.20
N GLN B 27 -44.68 5.29 -10.83
CA GLN B 27 -45.05 6.63 -10.40
C GLN B 27 -44.19 7.10 -9.21
N ASN B 28 -43.71 6.17 -8.38
CA ASN B 28 -42.76 6.56 -7.31
C ASN B 28 -41.30 6.55 -7.76
N LEU B 29 -40.94 5.72 -8.74
CA LEU B 29 -39.61 5.77 -9.38
C LEU B 29 -39.32 7.08 -10.16
N LYS B 30 -40.26 7.49 -11.05
CA LYS B 30 -39.98 8.51 -12.09
C LYS B 30 -39.43 9.84 -11.57
N PRO B 31 -39.92 10.35 -10.42
CA PRO B 31 -39.38 11.62 -9.98
C PRO B 31 -37.99 11.48 -9.37
N GLN B 32 -37.57 10.26 -9.05
CA GLN B 32 -36.18 10.05 -8.70
C GLN B 32 -35.37 9.94 -9.99
N TRP B 33 -35.90 9.20 -10.97
CA TRP B 33 -35.12 8.74 -12.10
C TRP B 33 -35.13 9.62 -13.34
N THR B 34 -36.28 10.24 -13.65
CA THR B 34 -36.42 11.19 -14.76
C THR B 34 -35.39 12.34 -14.78
N PRO B 35 -35.21 13.06 -13.64
CA PRO B 35 -34.17 14.09 -13.70
C PRO B 35 -32.83 13.50 -14.02
N PHE B 36 -32.56 12.28 -13.54
CA PHE B 36 -31.23 11.66 -13.68
C PHE B 36 -30.96 11.26 -15.12
N LEU B 37 -31.93 10.56 -15.71
CA LEU B 37 -31.82 10.18 -17.12
C LEU B 37 -31.79 11.41 -18.10
N GLN B 38 -32.48 12.51 -17.76
CA GLN B 38 -32.46 13.76 -18.58
C GLN B 38 -31.10 14.45 -18.54
N ASP B 39 -30.50 14.53 -17.34
CA ASP B 39 -29.14 15.01 -17.24
C ASP B 39 -28.17 14.06 -18.00
N MSE B 40 -28.44 12.77 -18.00
CA MSE B 40 -27.58 11.83 -18.75
C MSE B 40 -27.67 12.04 -20.28
O MSE B 40 -26.64 11.98 -20.97
CB MSE B 40 -27.89 10.37 -18.38
CG MSE B 40 -26.86 9.37 -18.83
SE MSE B 40 -27.37 7.47 -18.41
CE MSE B 40 -27.77 7.69 -16.49
N GLU B 41 -28.89 12.19 -20.78
CA GLU B 41 -29.11 12.63 -22.17
C GLU B 41 -28.35 13.90 -22.47
N LYS B 42 -28.49 14.89 -21.59
CA LYS B 42 -27.88 16.19 -21.83
C LYS B 42 -26.34 16.04 -21.88
N LYS B 43 -25.77 15.17 -21.07
CA LYS B 43 -24.33 15.08 -20.95
C LYS B 43 -23.74 14.23 -22.05
N LEU B 44 -24.40 13.12 -22.34
CA LEU B 44 -23.88 12.15 -23.28
C LEU B 44 -24.08 12.59 -24.69
N GLY B 45 -25.00 13.51 -24.92
CA GLY B 45 -25.37 13.91 -26.28
C GLY B 45 -26.07 12.79 -27.01
N VAL B 46 -26.79 11.92 -26.29
CA VAL B 46 -27.62 10.89 -26.94
C VAL B 46 -28.89 10.70 -26.13
N LYS B 47 -29.95 10.25 -26.82
CA LYS B 47 -31.27 10.02 -26.20
C LYS B 47 -31.19 8.89 -25.14
N VAL B 48 -31.76 9.07 -23.96
CA VAL B 48 -31.76 8.00 -22.95
C VAL B 48 -33.20 7.74 -22.59
N ASN B 49 -33.56 6.47 -22.55
CA ASN B 49 -34.94 6.08 -22.29
C ASN B 49 -34.93 5.12 -21.11
N ALA B 50 -35.87 5.30 -20.18
CA ALA B 50 -36.07 4.34 -19.11
C ALA B 50 -36.56 3.03 -19.71
N PHE B 51 -36.08 1.90 -19.17
CA PHE B 51 -36.67 0.61 -19.47
C PHE B 51 -37.19 0.04 -18.16
N PHE B 52 -38.50 -0.17 -18.05
CA PHE B 52 -39.04 -0.81 -16.86
C PHE B 52 -39.53 -2.18 -17.23
N ALA B 53 -39.79 -3.01 -16.22
CA ALA B 53 -40.46 -4.31 -16.47
C ALA B 53 -41.26 -4.70 -15.22
N PRO B 54 -42.18 -5.68 -15.33
CA PRO B 54 -42.92 -6.08 -14.11
C PRO B 54 -42.09 -6.74 -12.98
N ASP B 55 -41.00 -7.44 -13.33
CA ASP B 55 -40.15 -8.10 -12.34
C ASP B 55 -38.69 -7.82 -12.63
N TYR B 56 -37.79 -8.14 -11.71
CA TYR B 56 -36.40 -7.99 -12.05
C TYR B 56 -36.00 -8.78 -13.30
N ALA B 57 -36.62 -9.94 -13.54
CA ALA B 57 -36.20 -10.79 -14.66
C ALA B 57 -36.32 -10.08 -16.02
N GLY B 58 -37.37 -9.29 -16.18
CA GLY B 58 -37.46 -8.38 -17.34
C GLY B 58 -36.27 -7.48 -17.60
N ILE B 59 -35.58 -7.01 -16.57
CA ILE B 59 -34.40 -6.22 -16.84
C ILE B 59 -33.23 -7.09 -17.29
N ILE B 60 -33.07 -8.21 -16.59
CA ILE B 60 -31.93 -9.09 -16.83
C ILE B 60 -32.15 -9.69 -18.23
N GLN B 61 -33.31 -10.29 -18.47
CA GLN B 61 -33.52 -10.85 -19.82
C GLN B 61 -33.48 -9.75 -20.91
N GLY B 62 -33.87 -8.52 -20.55
CA GLY B 62 -33.88 -7.42 -21.51
C GLY B 62 -32.45 -7.21 -21.96
N MSE B 63 -31.53 -7.16 -21.02
CA MSE B 63 -30.13 -6.89 -21.35
C MSE B 63 -29.52 -8.03 -22.14
O MSE B 63 -28.68 -7.79 -23.00
CB MSE B 63 -29.33 -6.60 -20.08
CG MSE B 63 -27.81 -6.56 -20.26
SE MSE B 63 -26.94 -6.00 -18.56
CE MSE B 63 -27.59 -4.13 -18.50
N ARG B 64 -29.94 -9.27 -21.81
CA ARG B 64 -29.49 -10.49 -22.48
C ARG B 64 -29.71 -10.40 -23.99
N PHE B 65 -30.83 -9.80 -24.39
CA PHE B 65 -31.13 -9.64 -25.82
C PHE B 65 -30.87 -8.20 -26.35
N ASN B 66 -30.01 -7.47 -25.63
CA ASN B 66 -29.54 -6.17 -26.05
C ASN B 66 -30.65 -5.09 -26.10
N LYS B 67 -31.71 -5.24 -25.30
CA LYS B 67 -32.80 -4.28 -25.27
C LYS B 67 -32.60 -3.27 -24.12
N VAL B 68 -31.75 -3.64 -23.16
CA VAL B 68 -31.36 -2.79 -22.05
C VAL B 68 -29.85 -2.63 -22.22
N ASP B 69 -29.34 -1.40 -22.26
CA ASP B 69 -27.89 -1.15 -22.44
C ASP B 69 -27.08 -1.01 -21.15
N ILE B 70 -27.65 -0.28 -20.17
CA ILE B 70 -27.09 -0.04 -18.86
C ILE B 70 -28.24 -0.23 -17.87
N ALA B 71 -27.96 -0.71 -16.66
CA ALA B 71 -29.08 -0.81 -15.69
C ALA B 71 -28.66 -0.64 -14.24
N TRP B 72 -29.56 -0.09 -13.41
CA TRP B 72 -29.41 -0.12 -11.94
C TRP B 72 -29.99 -1.44 -11.41
N TYR B 73 -29.15 -2.30 -10.83
CA TYR B 73 -29.56 -3.58 -10.28
C TYR B 73 -29.17 -3.63 -8.82
N GLY B 74 -29.75 -4.58 -8.10
CA GLY B 74 -29.15 -5.02 -6.84
C GLY B 74 -28.06 -6.05 -7.15
N ASN B 75 -27.31 -6.43 -6.12
CA ASN B 75 -26.26 -7.43 -6.24
C ASN B 75 -26.71 -8.74 -6.87
N LEU B 76 -27.85 -9.28 -6.48
CA LEU B 76 -28.24 -10.58 -7.04
C LEU B 76 -28.56 -10.47 -8.53
N SER B 77 -29.43 -9.52 -8.85
CA SER B 77 -29.79 -9.36 -10.23
C SER B 77 -28.54 -8.93 -11.05
N ALA B 78 -27.59 -8.18 -10.50
CA ALA B 78 -26.32 -7.94 -11.28
C ALA B 78 -25.55 -9.26 -11.57
N MSE B 79 -25.43 -10.07 -10.51
CA MSE B 79 -24.85 -11.40 -10.62
C MSE B 79 -25.47 -12.18 -11.76
O MSE B 79 -24.76 -12.78 -12.55
CB MSE B 79 -25.05 -12.18 -9.35
CG MSE B 79 -24.21 -13.44 -9.24
SE MSE B 79 -24.91 -14.62 -7.78
CE MSE B 79 -25.91 -15.78 -9.00
N GLU B 80 -26.81 -12.22 -11.83
CA GLU B 80 -27.36 -13.00 -12.93
CA GLU B 80 -27.57 -12.90 -12.89
C GLU B 80 -27.33 -12.25 -14.25
N ALA B 81 -27.05 -10.96 -14.23
CA ALA B 81 -26.84 -10.25 -15.52
C ALA B 81 -25.44 -10.51 -15.98
N VAL B 82 -24.52 -10.72 -15.06
CA VAL B 82 -23.19 -11.21 -15.43
C VAL B 82 -23.26 -12.66 -15.92
N ASP B 83 -24.09 -13.52 -15.34
CA ASP B 83 -24.10 -14.94 -15.75
C ASP B 83 -24.95 -15.24 -16.96
N ARG B 84 -25.95 -14.38 -17.20
CA ARG B 84 -27.01 -14.67 -18.15
C ARG B 84 -26.99 -13.66 -19.29
N ALA B 85 -26.58 -12.43 -19.01
CA ALA B 85 -26.92 -11.35 -19.90
C ALA B 85 -25.71 -10.55 -20.41
N ASN B 86 -24.53 -11.15 -20.34
CA ASN B 86 -23.30 -10.58 -20.83
C ASN B 86 -23.04 -9.25 -20.11
N GLY B 87 -23.46 -9.18 -18.84
CA GLY B 87 -23.30 -7.94 -18.07
C GLY B 87 -21.90 -7.69 -17.49
N GLN B 88 -21.68 -6.49 -16.98
CA GLN B 88 -20.42 -6.22 -16.25
C GLN B 88 -20.63 -5.02 -15.37
N VAL B 89 -20.33 -5.17 -14.09
CA VAL B 89 -20.32 -4.02 -13.16
C VAL B 89 -19.27 -2.97 -13.56
N PHE B 90 -19.61 -1.69 -13.51
CA PHE B 90 -18.53 -0.65 -13.66
C PHE B 90 -18.55 0.45 -12.58
N ALA B 91 -19.65 0.59 -11.85
CA ALA B 91 -19.74 1.57 -10.81
C ALA B 91 -20.56 1.00 -9.66
N GLN B 92 -20.43 1.59 -8.48
CA GLN B 92 -21.20 1.13 -7.30
C GLN B 92 -21.84 2.36 -6.71
N THR B 93 -23.12 2.25 -6.31
CA THR B 93 -23.84 3.34 -5.67
C THR B 93 -23.33 3.51 -4.25
N VAL B 94 -23.48 4.70 -3.69
CA VAL B 94 -23.00 5.00 -2.33
C VAL B 94 -24.13 5.69 -1.58
N ALA B 95 -24.55 5.17 -0.43
CA ALA B 95 -25.62 5.85 0.33
C ALA B 95 -25.25 7.31 0.74
N ALA B 96 -26.21 8.23 0.63
CA ALA B 96 -25.97 9.63 0.94
C ALA B 96 -25.59 9.87 2.39
N ASP B 97 -26.01 8.97 3.28
CA ASP B 97 -25.69 9.21 4.68
C ASP B 97 -24.41 8.53 5.19
N GLY B 98 -23.62 7.97 4.27
CA GLY B 98 -22.36 7.37 4.66
C GLY B 98 -22.42 5.91 5.06
N SER B 99 -23.59 5.28 5.08
CA SER B 99 -23.66 3.84 5.37
C SER B 99 -22.78 3.04 4.41
N PRO B 100 -22.13 1.99 4.91
CA PRO B 100 -21.27 1.21 4.01
C PRO B 100 -22.05 0.22 3.14
N GLY B 101 -23.37 0.23 3.27
CA GLY B 101 -24.26 -0.75 2.62
C GLY B 101 -25.68 -0.59 3.13
N TYR B 102 -26.52 -1.60 2.91
CA TYR B 102 -27.94 -1.57 3.39
C TYR B 102 -28.27 -2.92 4.01
N TRP B 103 -29.46 -3.09 4.60
CA TRP B 103 -29.83 -4.34 5.36
C TRP B 103 -31.15 -4.85 4.92
N SER B 104 -31.24 -6.16 4.72
CA SER B 104 -32.56 -6.85 4.61
C SER B 104 -33.35 -6.92 5.96
N VAL B 105 -34.68 -6.92 5.88
CA VAL B 105 -35.53 -7.00 7.07
C VAL B 105 -36.77 -7.82 6.82
N LEU B 106 -37.34 -8.27 7.93
CA LEU B 106 -38.71 -8.74 7.95
C LEU B 106 -39.49 -7.70 8.68
N ILE B 107 -40.71 -7.48 8.20
CA ILE B 107 -41.60 -6.47 8.70
C ILE B 107 -43.03 -7.01 8.94
N VAL B 108 -43.67 -6.53 10.00
CA VAL B 108 -45.07 -6.87 10.29
C VAL B 108 -45.80 -5.57 10.62
N ASN B 109 -47.12 -5.60 10.80
CA ASN B 109 -47.84 -4.40 11.24
C ASN B 109 -47.49 -4.08 12.70
N LYS B 110 -47.52 -2.81 13.13
CA LYS B 110 -47.22 -2.46 14.54
C LYS B 110 -48.23 -3.09 15.48
N ASP B 111 -49.46 -3.27 14.99
CA ASP B 111 -50.50 -3.86 15.81
C ASP B 111 -50.29 -5.34 16.04
N SER B 112 -49.35 -5.96 15.34
CA SER B 112 -49.18 -7.43 15.44
C SER B 112 -48.41 -7.79 16.72
N PRO B 113 -48.70 -8.97 17.34
CA PRO B 113 -47.87 -9.30 18.51
C PRO B 113 -46.53 -9.99 18.19
N ILE B 114 -46.36 -10.52 16.97
CA ILE B 114 -44.99 -10.97 16.54
C ILE B 114 -43.99 -9.84 16.79
N ASN B 115 -42.93 -10.14 17.54
CA ASN B 115 -41.87 -9.17 17.73
C ASN B 115 -40.48 -9.64 17.29
N ASN B 116 -40.37 -10.89 16.87
CA ASN B 116 -39.08 -11.43 16.44
C ASN B 116 -39.29 -12.73 15.72
N LEU B 117 -38.18 -13.39 15.44
CA LEU B 117 -38.12 -14.62 14.66
C LEU B 117 -38.75 -15.86 15.34
N ASN B 118 -38.50 -16.04 16.63
CA ASN B 118 -39.15 -17.11 17.38
C ASN B 118 -40.67 -16.88 17.38
N ASP B 119 -41.07 -15.64 17.71
CA ASP B 119 -42.48 -15.20 17.66
C ASP B 119 -43.12 -15.53 16.33
N LEU B 120 -42.36 -15.43 15.25
CA LEU B 120 -42.89 -15.62 13.89
C LEU B 120 -43.04 -17.10 13.54
N LEU B 121 -41.95 -17.85 13.75
CA LEU B 121 -41.85 -19.24 13.33
C LEU B 121 -42.88 -20.18 13.96
N ALA B 122 -43.19 -19.98 15.23
CA ALA B 122 -44.19 -20.83 15.90
C ALA B 122 -45.55 -20.68 15.23
N LYS B 123 -45.87 -19.42 14.92
CA LYS B 123 -47.16 -19.04 14.38
C LYS B 123 -47.23 -19.17 12.86
N ARG B 124 -46.12 -19.59 12.24
CA ARG B 124 -45.97 -19.49 10.79
C ARG B 124 -47.13 -20.07 10.01
N LYS B 125 -47.83 -21.03 10.62
CA LYS B 125 -48.93 -21.70 9.93
C LYS B 125 -50.13 -20.80 9.77
N ASP B 126 -50.30 -19.85 10.64
CA ASP B 126 -51.49 -19.05 10.53
C ASP B 126 -51.20 -17.73 9.84
N LEU B 127 -49.97 -17.59 9.33
CA LEU B 127 -49.55 -16.31 8.73
C LEU B 127 -49.55 -16.30 7.20
N THR B 128 -49.72 -15.11 6.62
CA THR B 128 -49.58 -14.93 5.19
C THR B 128 -48.27 -14.20 4.99
N PHE B 129 -47.48 -14.65 4.03
CA PHE B 129 -46.13 -14.16 3.94
C PHE B 129 -45.90 -13.57 2.59
N GLY B 130 -45.35 -12.35 2.60
CA GLY B 130 -45.01 -11.60 1.37
C GLY B 130 -43.51 -11.73 1.04
N ASN B 131 -43.20 -12.66 0.16
CA ASN B 131 -41.83 -12.90 -0.23
C ASN B 131 -41.48 -11.86 -1.30
N GLY B 132 -40.24 -11.90 -1.75
CA GLY B 132 -39.70 -10.88 -2.65
C GLY B 132 -39.64 -11.37 -4.09
N ASP B 133 -39.24 -10.45 -4.96
CA ASP B 133 -38.88 -10.82 -6.28
C ASP B 133 -37.79 -11.88 -6.11
N PRO B 134 -37.96 -13.02 -6.80
CA PRO B 134 -37.03 -14.17 -6.80
C PRO B 134 -35.63 -13.81 -7.32
N ASN B 135 -35.47 -12.61 -7.91
CA ASN B 135 -34.13 -12.16 -8.21
C ASN B 135 -33.71 -11.03 -7.29
N SER B 136 -34.38 -10.88 -6.16
CA SER B 136 -34.00 -9.75 -5.25
C SER B 136 -33.02 -10.16 -4.15
N THR B 137 -32.00 -9.34 -3.93
CA THR B 137 -30.96 -9.67 -2.94
C THR B 137 -31.60 -9.68 -1.58
N SER B 138 -32.24 -8.57 -1.26
CA SER B 138 -32.69 -8.32 0.08
C SER B 138 -34.09 -8.86 0.22
N GLY B 139 -34.79 -8.99 -0.90
CA GLY B 139 -36.19 -9.43 -0.93
C GLY B 139 -36.36 -10.93 -0.83
N PHE B 140 -35.33 -11.70 -1.26
CA PHE B 140 -35.53 -13.10 -1.52
C PHE B 140 -34.34 -13.93 -1.12
N LEU B 141 -33.15 -13.56 -1.53
CA LEU B 141 -31.94 -14.35 -1.23
C LEU B 141 -31.55 -14.32 0.24
N VAL B 142 -31.44 -13.09 0.79
CA VAL B 142 -30.79 -12.93 2.09
C VAL B 142 -31.70 -13.53 3.21
N PRO B 143 -33.02 -13.21 3.20
CA PRO B 143 -34.03 -13.91 4.04
C PRO B 143 -34.18 -15.36 3.66
N GLY B 144 -34.15 -15.71 2.37
CA GLY B 144 -34.19 -17.12 2.00
C GLY B 144 -33.06 -17.95 2.63
N TYR B 145 -31.89 -17.36 2.77
CA TYR B 145 -30.84 -18.05 3.51
C TYR B 145 -30.93 -17.99 5.03
N TYR B 146 -30.89 -16.79 5.61
CA TYR B 146 -30.73 -16.65 7.08
C TYR B 146 -31.98 -16.95 7.90
N VAL B 147 -33.15 -16.89 7.26
CA VAL B 147 -34.42 -17.07 7.95
C VAL B 147 -34.98 -18.45 7.59
N PHE B 148 -35.07 -18.72 6.30
CA PHE B 148 -35.58 -19.98 5.83
C PHE B 148 -34.54 -21.10 5.91
N ALA B 149 -33.45 -21.02 5.18
CA ALA B 149 -32.57 -22.23 5.23
C ALA B 149 -32.11 -22.56 6.66
N LYS B 150 -31.64 -21.55 7.39
CA LYS B 150 -31.14 -21.71 8.78
C LYS B 150 -32.20 -22.20 9.80
N ASN B 151 -33.46 -21.87 9.58
CA ASN B 151 -34.51 -22.45 10.38
C ASN B 151 -35.21 -23.64 9.74
N ASN B 152 -34.59 -24.24 8.72
CA ASN B 152 -35.12 -25.43 8.03
C ASN B 152 -36.59 -25.39 7.66
N ILE B 153 -37.00 -24.27 7.08
CA ILE B 153 -38.35 -24.09 6.58
C ILE B 153 -38.26 -23.41 5.24
N SER B 154 -39.37 -23.36 4.52
CA SER B 154 -39.46 -22.53 3.34
C SER B 154 -40.71 -21.65 3.36
N ALA B 155 -40.79 -20.76 2.39
CA ALA B 155 -41.95 -19.87 2.24
C ALA B 155 -43.25 -20.62 2.02
N SER B 156 -43.20 -21.83 1.49
CA SER B 156 -44.41 -22.63 1.37
C SER B 156 -44.94 -23.12 2.74
N ASP B 157 -44.11 -23.03 3.78
CA ASP B 157 -44.50 -23.45 5.13
C ASP B 157 -45.35 -22.43 5.82
N PHE B 158 -45.66 -21.34 5.12
CA PHE B 158 -46.64 -20.35 5.59
C PHE B 158 -48.03 -20.69 5.09
N LYS B 159 -49.07 -20.12 5.71
CA LYS B 159 -50.46 -20.35 5.27
C LYS B 159 -50.74 -19.93 3.83
N ARG B 160 -50.31 -18.73 3.46
CA ARG B 160 -50.36 -18.29 2.06
C ARG B 160 -49.04 -17.61 1.71
N THR B 161 -48.51 -17.85 0.51
CA THR B 161 -47.30 -17.12 0.13
C THR B 161 -47.38 -16.47 -1.27
N VAL B 162 -46.90 -15.24 -1.35
CA VAL B 162 -47.03 -14.40 -2.54
C VAL B 162 -45.67 -13.78 -2.82
N ASN B 163 -45.29 -13.59 -4.11
CA ASN B 163 -44.01 -12.91 -4.48
C ASN B 163 -44.27 -11.51 -5.05
N ALA B 164 -43.61 -10.48 -4.51
CA ALA B 164 -43.88 -9.06 -4.88
C ALA B 164 -42.69 -8.17 -4.63
N GLY B 165 -42.73 -6.97 -5.23
CA GLY B 165 -41.68 -6.00 -5.08
C GLY B 165 -41.63 -5.38 -3.69
N HIS B 166 -40.57 -4.65 -3.37
CA HIS B 166 -40.48 -4.06 -2.01
C HIS B 166 -41.62 -3.11 -1.61
N GLU B 167 -42.01 -2.19 -2.49
CA GLU B 167 -43.11 -1.27 -2.17
C GLU B 167 -44.41 -2.03 -2.03
N THR B 168 -44.74 -2.93 -2.97
CA THR B 168 -45.96 -3.76 -2.89
C THR B 168 -46.02 -4.40 -1.52
N ASN B 169 -44.92 -5.05 -1.11
CA ASN B 169 -44.86 -5.74 0.19
C ASN B 169 -45.06 -4.84 1.36
N ALA B 170 -44.42 -3.66 1.36
CA ALA B 170 -44.52 -2.78 2.52
C ALA B 170 -45.90 -2.14 2.62
N LEU B 171 -46.54 -1.88 1.47
CA LEU B 171 -47.92 -1.36 1.45
C LEU B 171 -48.92 -2.46 1.90
N ALA B 172 -48.68 -3.70 1.52
CA ALA B 172 -49.56 -4.79 1.95
C ALA B 172 -49.47 -5.06 3.47
N VAL B 173 -48.26 -5.06 4.05
CA VAL B 173 -48.18 -5.12 5.50
C VAL B 173 -48.88 -3.90 6.16
N ALA B 174 -48.50 -2.70 5.75
CA ALA B 174 -49.13 -1.45 6.17
C ALA B 174 -50.66 -1.50 6.15
N ASN B 175 -51.25 -2.05 5.08
CA ASN B 175 -52.69 -2.12 4.96
C ASN B 175 -53.25 -3.41 5.54
N LYS B 176 -52.45 -4.10 6.36
CA LYS B 176 -52.86 -5.35 7.00
C LYS B 176 -53.38 -6.39 6.00
N GLN B 177 -52.91 -6.34 4.75
CA GLN B 177 -53.24 -7.36 3.72
C GLN B 177 -52.41 -8.64 3.72
N VAL B 178 -51.27 -8.63 4.40
CA VAL B 178 -50.35 -9.77 4.50
C VAL B 178 -49.74 -9.61 5.90
N ASP B 179 -49.43 -10.70 6.59
CA ASP B 179 -49.05 -10.58 8.00
C ASP B 179 -47.56 -10.24 8.20
N VAL B 180 -46.72 -10.71 7.31
CA VAL B 180 -45.27 -10.50 7.41
C VAL B 180 -44.72 -10.46 6.00
N ALA B 181 -43.75 -9.57 5.77
CA ALA B 181 -43.06 -9.61 4.45
C ALA B 181 -41.56 -9.27 4.54
N THR B 182 -40.82 -9.59 3.48
CA THR B 182 -39.44 -9.13 3.29
C THR B 182 -39.49 -7.71 2.85
N ASN B 183 -38.39 -6.99 3.11
CA ASN B 183 -38.14 -5.65 2.67
C ASN B 183 -36.64 -5.35 2.90
N ASN B 184 -36.27 -4.09 2.83
CA ASN B 184 -34.90 -3.63 3.13
C ASN B 184 -34.93 -2.18 3.64
N THR B 185 -33.85 -1.73 4.28
CA THR B 185 -33.85 -0.44 4.99
C THR B 185 -33.86 0.71 3.99
N GLU B 186 -33.28 0.50 2.81
CA GLU B 186 -33.36 1.55 1.80
C GLU B 186 -34.80 1.75 1.35
N ASN B 187 -35.53 0.67 1.09
CA ASN B 187 -36.90 0.83 0.63
C ASN B 187 -37.82 1.49 1.68
N LEU B 188 -37.64 1.16 2.95
CA LEU B 188 -38.36 1.81 4.03
C LEU B 188 -38.14 3.33 3.94
N ASP B 189 -36.92 3.75 3.65
CA ASP B 189 -36.68 5.16 3.42
C ASP B 189 -37.44 5.72 2.23
N LYS B 190 -37.50 4.95 1.12
CA LYS B 190 -38.35 5.36 -0.03
C LYS B 190 -39.83 5.44 0.27
N LEU B 191 -40.34 4.55 1.13
CA LEU B 191 -41.72 4.62 1.63
C LEU B 191 -41.94 5.81 2.63
N LYS B 192 -40.98 6.09 3.49
CA LYS B 192 -41.06 7.33 4.28
C LYS B 192 -41.32 8.56 3.34
N THR B 193 -40.74 8.56 2.15
CA THR B 193 -40.97 9.61 1.17
C THR B 193 -42.32 9.56 0.46
N SER B 194 -42.63 8.43 -0.17
CA SER B 194 -43.78 8.27 -1.03
C SER B 194 -45.07 8.09 -0.24
N ALA B 195 -45.02 7.33 0.86
CA ALA B 195 -46.22 7.06 1.68
C ALA B 195 -45.94 7.06 3.19
N PRO B 196 -45.62 8.25 3.73
CA PRO B 196 -45.23 8.40 5.14
C PRO B 196 -46.25 7.83 6.14
N GLU B 197 -47.54 7.97 5.83
CA GLU B 197 -48.62 7.54 6.73
C GLU B 197 -48.72 5.99 6.71
N LYS B 198 -48.10 5.37 5.71
CA LYS B 198 -48.01 3.91 5.60
C LYS B 198 -46.76 3.35 6.29
N LEU B 199 -45.69 4.13 6.31
CA LEU B 199 -44.47 3.70 6.99
C LEU B 199 -44.60 3.57 8.50
N LYS B 200 -45.38 4.45 9.13
CA LYS B 200 -45.51 4.45 10.60
C LYS B 200 -46.36 3.26 11.11
N GLU B 201 -46.94 2.53 10.16
CA GLU B 201 -47.71 1.35 10.45
C GLU B 201 -46.82 0.11 10.44
N LEU B 202 -45.54 0.28 10.12
CA LEU B 202 -44.64 -0.87 9.99
C LEU B 202 -43.72 -1.00 11.20
N LYS B 203 -43.34 -2.23 11.54
CA LYS B 203 -42.33 -2.52 12.57
C LYS B 203 -41.34 -3.62 12.14
N VAL B 204 -40.05 -3.40 12.37
CA VAL B 204 -39.10 -4.37 11.87
C VAL B 204 -38.92 -5.41 12.96
N ILE B 205 -38.98 -6.68 12.59
CA ILE B 205 -38.79 -7.72 13.57
C ILE B 205 -37.49 -8.50 13.43
N TRP B 206 -36.77 -8.30 12.33
CA TRP B 206 -35.53 -9.05 12.04
C TRP B 206 -34.71 -8.24 11.05
N LYS B 207 -33.40 -8.18 11.26
CA LYS B 207 -32.46 -7.48 10.35
C LYS B 207 -31.23 -8.34 9.99
N SER B 208 -30.91 -8.36 8.70
CA SER B 208 -29.86 -9.24 8.15
C SER B 208 -28.47 -8.67 8.38
N PRO B 209 -27.40 -9.45 8.10
CA PRO B 209 -26.09 -8.82 7.97
C PRO B 209 -26.05 -7.83 6.83
N LEU B 210 -24.97 -7.07 6.81
CA LEU B 210 -24.69 -6.04 5.83
C LEU B 210 -24.74 -6.53 4.39
N ILE B 211 -25.43 -5.77 3.55
CA ILE B 211 -25.44 -6.01 2.10
C ILE B 211 -24.66 -4.83 1.42
N PRO B 212 -23.78 -5.13 0.42
CA PRO B 212 -23.04 -4.03 -0.22
C PRO B 212 -23.94 -3.18 -1.16
N GLY B 213 -23.56 -1.93 -1.37
CA GLY B 213 -24.34 -1.04 -2.26
C GLY B 213 -24.54 -1.69 -3.63
N ASP B 214 -25.65 -1.30 -4.28
CA ASP B 214 -26.09 -1.72 -5.62
C ASP B 214 -25.08 -1.33 -6.71
N PRO B 215 -24.84 -2.22 -7.67
CA PRO B 215 -23.94 -1.77 -8.72
C PRO B 215 -24.74 -1.20 -9.91
N ILE B 216 -24.03 -0.46 -10.79
CA ILE B 216 -24.53 -0.08 -12.09
C ILE B 216 -23.74 -0.95 -13.07
N VAL B 217 -24.48 -1.52 -14.01
CA VAL B 217 -24.03 -2.58 -14.91
C VAL B 217 -24.31 -2.19 -16.37
N TRP B 218 -23.44 -2.57 -17.29
CA TRP B 218 -23.78 -2.42 -18.73
C TRP B 218 -23.63 -3.74 -19.44
N ARG B 219 -24.15 -3.88 -20.66
CA ARG B 219 -23.82 -5.08 -21.46
C ARG B 219 -22.45 -4.90 -22.13
N LYS B 220 -21.67 -6.00 -22.20
CA LYS B 220 -20.24 -5.92 -22.54
C LYS B 220 -20.03 -5.63 -24.04
N ASN B 221 -21.03 -5.98 -24.86
CA ASN B 221 -20.99 -5.73 -26.29
C ASN B 221 -21.45 -4.33 -26.76
N LEU B 222 -21.60 -3.37 -25.85
CA LEU B 222 -21.68 -1.96 -26.21
C LEU B 222 -20.37 -1.53 -26.81
N SER B 223 -20.43 -0.56 -27.72
CA SER B 223 -19.25 0.05 -28.31
C SER B 223 -18.37 0.66 -27.22
N GLU B 224 -17.07 0.60 -27.42
CA GLU B 224 -16.09 1.06 -26.46
C GLU B 224 -16.23 2.57 -26.21
N THR B 225 -16.80 3.24 -27.19
CA THR B 225 -17.03 4.67 -27.23
C THR B 225 -18.17 5.07 -26.27
N THR B 226 -19.30 4.39 -26.44
CA THR B 226 -20.44 4.49 -25.56
C THR B 226 -20.01 4.14 -24.13
N LYS B 227 -19.29 3.03 -23.97
CA LYS B 227 -18.80 2.62 -22.63
C LYS B 227 -17.95 3.71 -22.00
N ASP B 228 -17.06 4.30 -22.78
CA ASP B 228 -16.18 5.33 -22.22
C ASP B 228 -16.98 6.57 -21.73
N LYS B 229 -17.97 7.00 -22.52
CA LYS B 229 -18.84 8.16 -22.18
C LYS B 229 -19.80 7.88 -21.01
N ILE B 230 -20.38 6.68 -20.96
CA ILE B 230 -21.15 6.30 -19.78
C ILE B 230 -20.23 6.32 -18.52
N TYR B 231 -19.01 5.77 -18.65
CA TYR B 231 -18.14 5.59 -17.50
C TYR B 231 -17.79 6.97 -17.01
N ASP B 232 -17.41 7.85 -17.91
CA ASP B 232 -17.09 9.26 -17.58
C ASP B 232 -18.29 9.98 -16.96
N PHE B 233 -19.48 9.75 -17.50
CA PHE B 233 -20.71 10.30 -16.88
C PHE B 233 -20.85 9.92 -15.39
N PHE B 234 -20.66 8.62 -15.09
CA PHE B 234 -20.94 8.16 -13.73
C PHE B 234 -19.91 8.64 -12.73
N MSE B 235 -18.63 8.64 -13.12
CA MSE B 235 -17.52 9.01 -12.24
C MSE B 235 -17.47 10.52 -11.93
O MSE B 235 -16.87 10.96 -10.95
CB MSE B 235 -16.21 8.60 -12.92
CG MSE B 235 -16.01 7.08 -13.12
SE MSE B 235 -16.11 6.15 -11.41
CE MSE B 235 -17.98 5.59 -11.43
N ASN B 236 -18.09 11.31 -12.80
CA ASN B 236 -18.08 12.76 -12.67
C ASN B 236 -19.40 13.39 -12.25
N TYR B 237 -20.45 12.59 -12.09
CA TYR B 237 -21.73 13.15 -11.71
C TYR B 237 -21.75 13.66 -10.28
N GLY B 238 -22.37 14.81 -10.07
CA GLY B 238 -22.56 15.31 -8.71
C GLY B 238 -21.75 16.52 -8.27
N LYS B 239 -21.07 17.16 -9.21
CA LYS B 239 -20.22 18.33 -8.96
C LYS B 239 -21.05 19.56 -8.58
N THR B 240 -22.17 19.75 -9.25
CA THR B 240 -22.94 20.97 -9.09
C THR B 240 -24.05 20.80 -8.07
N PRO B 241 -24.54 21.93 -7.53
CA PRO B 241 -25.69 21.86 -6.62
C PRO B 241 -26.87 21.10 -7.23
N GLU B 242 -27.10 21.28 -8.53
CA GLU B 242 -28.19 20.55 -9.22
C GLU B 242 -27.99 19.02 -9.30
N GLU B 243 -26.78 18.58 -9.64
CA GLU B 243 -26.50 17.15 -9.71
C GLU B 243 -26.53 16.56 -8.32
N LYS B 244 -25.99 17.33 -7.35
CA LYS B 244 -26.02 16.91 -5.96
C LYS B 244 -27.45 16.67 -5.48
N ALA B 245 -28.37 17.52 -5.96
CA ALA B 245 -29.75 17.41 -5.52
C ALA B 245 -30.33 16.15 -6.14
N VAL B 246 -29.97 15.87 -7.38
CA VAL B 246 -30.48 14.68 -8.07
C VAL B 246 -30.01 13.40 -7.39
N LEU B 247 -28.74 13.34 -7.04
CA LEU B 247 -28.20 12.23 -6.25
C LEU B 247 -28.90 12.04 -4.91
N GLU B 248 -29.08 13.17 -4.21
CA GLU B 248 -29.75 13.24 -2.91
C GLU B 248 -31.13 12.65 -2.96
N ARG B 249 -31.87 13.02 -4.02
CA ARG B 249 -33.23 12.50 -4.20
C ARG B 249 -33.20 10.97 -4.26
N LEU B 250 -32.11 10.43 -4.81
CA LEU B 250 -31.99 8.99 -5.02
C LEU B 250 -31.45 8.34 -3.74
N GLY B 251 -31.17 9.20 -2.76
CA GLY B 251 -30.50 8.78 -1.55
C GLY B 251 -29.02 8.42 -1.72
N TRP B 252 -28.38 8.99 -2.72
CA TRP B 252 -26.99 8.60 -3.06
C TRP B 252 -26.06 9.80 -2.96
N ALA B 253 -24.81 9.51 -2.65
CA ALA B 253 -23.71 10.41 -2.94
C ALA B 253 -23.07 10.03 -4.31
N PRO B 254 -22.01 10.75 -4.77
CA PRO B 254 -21.34 10.34 -5.99
C PRO B 254 -20.95 8.87 -6.04
N PHE B 255 -21.07 8.27 -7.22
CA PHE B 255 -20.71 6.87 -7.46
C PHE B 255 -19.20 6.59 -7.25
N ARG B 256 -18.89 5.31 -7.10
CA ARG B 256 -17.52 4.99 -7.13
C ARG B 256 -17.29 3.87 -8.13
N ALA B 257 -16.09 3.87 -8.70
CA ALA B 257 -15.60 2.79 -9.51
C ALA B 257 -15.84 1.44 -8.81
N SER B 258 -16.24 0.46 -9.58
CA SER B 258 -16.43 -0.87 -9.04
C SER B 258 -16.21 -1.88 -10.19
N SER B 259 -16.26 -3.17 -9.87
CA SER B 259 -16.22 -4.24 -10.87
C SER B 259 -17.05 -5.41 -10.35
N ASP B 260 -17.13 -6.48 -11.14
CA ASP B 260 -17.77 -7.73 -10.78
C ASP B 260 -17.24 -8.22 -9.44
N LEU B 261 -16.06 -7.76 -9.03
CA LEU B 261 -15.48 -8.24 -7.78
C LEU B 261 -16.35 -7.90 -6.56
N GLN B 262 -17.22 -6.92 -6.69
CA GLN B 262 -18.05 -6.51 -5.54
C GLN B 262 -19.10 -7.61 -5.25
N LEU B 263 -19.33 -8.46 -6.21
CA LEU B 263 -20.39 -9.44 -6.16
C LEU B 263 -19.97 -10.70 -5.45
N VAL B 264 -18.66 -10.90 -5.22
CA VAL B 264 -18.16 -12.15 -4.54
C VAL B 264 -18.99 -12.58 -3.26
N PRO B 265 -19.32 -11.65 -2.36
CA PRO B 265 -20.00 -12.17 -1.16
C PRO B 265 -21.41 -12.60 -1.40
N ILE B 266 -22.01 -12.15 -2.48
CA ILE B 266 -23.38 -12.55 -2.85
C ILE B 266 -23.39 -13.86 -3.63
N ARG B 267 -22.36 -14.07 -4.42
CA ARG B 267 -22.08 -15.38 -5.00
C ARG B 267 -21.86 -16.42 -3.87
N GLN B 268 -20.99 -16.11 -2.89
CA GLN B 268 -20.84 -16.97 -1.74
C GLN B 268 -22.20 -17.31 -1.15
N LEU B 269 -22.97 -16.28 -0.83
CA LEU B 269 -24.21 -16.46 -0.12
C LEU B 269 -25.18 -17.30 -0.95
N ALA B 270 -25.26 -17.01 -2.26
CA ALA B 270 -26.14 -17.80 -3.14
C ALA B 270 -25.74 -19.28 -3.14
N LEU B 271 -24.43 -19.55 -3.21
CA LEU B 271 -23.98 -20.94 -3.10
C LEU B 271 -24.24 -21.62 -1.75
N PHE B 272 -24.08 -20.90 -0.62
CA PHE B 272 -24.40 -21.41 0.73
C PHE B 272 -25.86 -21.88 0.75
N LYS B 273 -26.74 -21.02 0.27
CA LYS B 273 -28.18 -21.33 0.09
C LYS B 273 -28.42 -22.52 -0.83
N GLU B 274 -27.83 -22.52 -2.01
CA GLU B 274 -27.96 -23.68 -2.89
C GLU B 274 -27.55 -24.99 -2.20
N MSE B 275 -26.47 -24.97 -1.44
CA MSE B 275 -26.05 -26.20 -0.79
C MSE B 275 -27.08 -26.70 0.24
O MSE B 275 -27.33 -27.92 0.33
CB MSE B 275 -24.69 -26.07 -0.13
CG MSE B 275 -24.05 -27.42 0.12
SE MSE B 275 -22.30 -27.09 0.79
CE MSE B 275 -22.57 -26.45 2.62
N GLN B 276 -27.67 -25.78 1.01
CA GLN B 276 -28.77 -26.13 1.89
C GLN B 276 -30.05 -26.56 1.15
N SER B 277 -30.47 -25.84 0.11
CA SER B 277 -31.63 -26.29 -0.72
C SER B 277 -31.41 -27.70 -1.27
N VAL B 278 -30.20 -27.98 -1.75
CA VAL B 278 -29.87 -29.31 -2.22
C VAL B 278 -29.90 -30.35 -1.08
N LYS B 279 -29.23 -30.10 0.05
CA LYS B 279 -29.35 -31.08 1.16
C LYS B 279 -30.81 -31.52 1.41
N ASP B 280 -31.77 -30.61 1.23
CA ASP B 280 -33.17 -30.89 1.59
C ASP B 280 -34.20 -31.12 0.43
N ASN B 281 -33.75 -31.31 -0.83
CA ASN B 281 -34.66 -31.79 -1.90
C ASN B 281 -35.12 -33.21 -1.71
N GLU B 286 -29.98 -39.33 -4.73
CA GLU B 286 -28.87 -39.19 -3.78
C GLU B 286 -27.55 -39.01 -4.52
N GLN B 287 -27.45 -39.67 -5.67
CA GLN B 287 -26.30 -39.49 -6.54
C GLN B 287 -26.31 -38.05 -7.01
N ASP B 288 -27.50 -37.53 -7.34
CA ASP B 288 -27.60 -36.16 -7.83
C ASP B 288 -27.21 -35.09 -6.80
N LYS B 289 -27.53 -35.31 -5.52
CA LYS B 289 -27.05 -34.45 -4.41
C LYS B 289 -25.53 -34.44 -4.31
N LEU B 290 -24.91 -35.60 -4.50
CA LEU B 290 -23.47 -35.70 -4.41
C LEU B 290 -22.82 -34.87 -5.51
N ALA B 291 -23.24 -35.11 -6.75
CA ALA B 291 -22.68 -34.44 -7.94
C ALA B 291 -22.78 -32.91 -7.87
N LYS B 292 -23.90 -32.44 -7.31
CA LYS B 292 -24.18 -31.02 -7.18
C LYS B 292 -23.40 -30.39 -6.04
N THR B 293 -23.36 -31.01 -4.86
CA THR B 293 -22.72 -30.35 -3.69
C THR B 293 -21.23 -30.12 -3.93
N THR B 294 -20.63 -31.09 -4.60
CA THR B 294 -19.22 -31.11 -4.81
C THR B 294 -18.89 -30.08 -5.89
N ALA B 295 -19.80 -29.93 -6.87
CA ALA B 295 -19.71 -28.82 -7.80
C ALA B 295 -19.90 -27.46 -7.08
N ILE B 296 -20.79 -27.40 -6.07
CA ILE B 296 -20.97 -26.19 -5.29
C ILE B 296 -19.71 -25.92 -4.48
N GLN B 297 -19.21 -26.93 -3.78
CA GLN B 297 -18.04 -26.76 -2.94
C GLN B 297 -16.84 -26.29 -3.76
N ALA B 298 -16.70 -26.82 -4.96
CA ALA B 298 -15.60 -26.37 -5.83
C ALA B 298 -15.75 -24.89 -6.11
N GLN B 299 -16.97 -24.42 -6.32
CA GLN B 299 -17.14 -22.97 -6.57
C GLN B 299 -16.83 -22.12 -5.33
N LEU B 300 -17.21 -22.58 -4.14
CA LEU B 300 -16.94 -21.83 -2.94
C LEU B 300 -15.47 -21.73 -2.63
N ASP B 301 -14.70 -22.80 -2.90
CA ASP B 301 -13.26 -22.79 -2.57
C ASP B 301 -12.57 -21.72 -3.47
N ASP B 302 -12.99 -21.64 -4.72
CA ASP B 302 -12.51 -20.64 -5.68
C ASP B 302 -12.80 -19.24 -5.19
N LEU B 303 -13.98 -18.99 -4.66
CA LEU B 303 -14.38 -17.63 -4.25
C LEU B 303 -13.63 -17.25 -2.97
N ASP B 304 -13.46 -18.27 -2.14
CA ASP B 304 -12.71 -18.15 -0.92
C ASP B 304 -11.29 -17.71 -1.27
N ARG B 305 -10.66 -18.35 -2.23
CA ARG B 305 -9.26 -17.98 -2.51
C ARG B 305 -9.19 -16.58 -3.09
N LEU B 306 -10.19 -16.22 -3.91
CA LEU B 306 -10.25 -14.91 -4.55
C LEU B 306 -10.45 -13.89 -3.46
N ASN B 307 -11.32 -14.16 -2.52
CA ASN B 307 -11.45 -13.24 -1.39
C ASN B 307 -10.21 -13.00 -0.58
N ASN B 308 -9.47 -14.08 -0.27
CA ASN B 308 -8.22 -13.93 0.45
C ASN B 308 -7.23 -13.11 -0.36
N ALA B 309 -7.22 -13.33 -1.65
CA ALA B 309 -6.38 -12.53 -2.55
C ALA B 309 -6.75 -11.02 -2.50
N LEU B 310 -8.04 -10.73 -2.43
CA LEU B 310 -8.46 -9.34 -2.46
C LEU B 310 -8.14 -8.62 -1.15
N SER B 311 -8.18 -9.33 -0.02
CA SER B 311 -7.87 -8.65 1.25
C SER B 311 -6.37 -8.41 1.43
N ALA B 312 -5.55 -9.28 0.83
CA ALA B 312 -4.09 -9.22 0.91
C ALA B 312 -3.41 -8.20 -0.02
N MSE B 313 -4.11 -7.75 -1.05
CA MSE B 313 -3.59 -6.83 -2.05
C MSE B 313 -3.08 -5.54 -1.44
O MSE B 313 -3.55 -5.15 -0.37
CB MSE B 313 -4.66 -6.46 -3.07
CG MSE B 313 -5.01 -7.59 -4.02
SE MSE B 313 -6.07 -6.93 -5.52
CE MSE B 313 -4.71 -5.88 -6.46
N SER B 314 -2.11 -4.89 -2.08
CA SER B 314 -1.74 -3.55 -1.65
C SER B 314 -1.91 -2.49 -2.74
N SER B 315 -1.55 -1.25 -2.40
CA SER B 315 -1.54 -0.16 -3.36
C SER B 315 -1.31 -0.77 -4.72
N VAL B 316 -2.38 -0.84 -5.49
CA VAL B 316 -2.43 -1.62 -6.71
C VAL B 316 -1.38 -1.12 -7.71
N SER B 317 -0.70 -2.07 -8.35
CA SER B 317 0.34 -1.74 -9.35
C SER B 317 -0.29 -1.26 -10.66
N LYS B 318 0.06 -0.06 -11.10
CA LYS B 318 -0.51 0.46 -12.34
C LYS B 318 0.56 0.83 -13.33
N ALA B 319 0.58 0.11 -14.44
CA ALA B 319 1.56 0.30 -15.50
C ALA B 319 1.98 1.76 -15.66
N VAL B 320 3.29 2.03 -15.66
CA VAL B 320 3.79 3.37 -15.98
C VAL B 320 3.99 3.42 -17.48
N GLN B 321 3.21 4.28 -18.14
CA GLN B 321 3.27 4.32 -19.59
C GLN B 321 4.71 4.87 -20.09
N LYS C 14 -21.98 0.46 11.18
CA LYS C 14 -21.72 -0.68 12.14
C LYS C 14 -20.55 -0.29 13.07
N ALA C 15 -20.02 -1.25 13.82
CA ALA C 15 -19.03 -0.97 14.89
C ALA C 15 -17.55 -0.91 14.46
N LEU C 16 -16.68 -0.54 15.41
CA LEU C 16 -15.23 -0.63 15.24
C LEU C 16 -14.73 -1.66 16.23
N ASN C 17 -13.95 -2.63 15.75
CA ASN C 17 -13.46 -3.70 16.59
C ASN C 17 -12.01 -3.38 16.97
N PHE C 18 -11.80 -2.97 18.22
CA PHE C 18 -10.52 -2.54 18.69
C PHE C 18 -9.79 -3.71 19.34
N GLY C 19 -8.70 -4.12 18.69
CA GLY C 19 -7.85 -5.21 19.20
C GLY C 19 -7.01 -4.80 20.41
N ILE C 20 -6.99 -5.66 21.44
CA ILE C 20 -6.16 -5.46 22.64
C ILE C 20 -5.31 -6.73 22.89
N ILE C 21 -3.99 -6.64 22.68
CA ILE C 21 -3.09 -7.78 22.87
C ILE C 21 -3.06 -8.33 24.30
N SER C 22 -2.77 -9.61 24.43
CA SER C 22 -2.91 -10.34 25.68
C SER C 22 -1.72 -10.22 26.61
N THR C 23 -1.38 -8.99 26.97
CA THR C 23 -0.30 -8.74 27.89
C THR C 23 -0.72 -9.18 29.31
N GLU C 24 -2.01 -9.06 29.61
CA GLU C 24 -2.52 -9.36 30.97
C GLU C 24 -3.77 -10.20 30.79
N SER C 25 -4.26 -10.80 31.86
CA SER C 25 -5.56 -11.49 31.83
C SER C 25 -6.66 -10.48 31.48
N GLN C 26 -7.70 -10.96 30.79
CA GLN C 26 -8.85 -10.09 30.50
C GLN C 26 -9.42 -9.36 31.72
N GLN C 27 -9.53 -10.03 32.87
CA GLN C 27 -10.05 -9.38 34.09
C GLN C 27 -9.24 -8.15 34.43
N ASN C 28 -7.95 -8.22 34.18
CA ASN C 28 -7.03 -7.14 34.50
C ASN C 28 -6.93 -6.07 33.39
N LEU C 29 -7.26 -6.45 32.15
CA LEU C 29 -7.29 -5.55 31.00
C LEU C 29 -8.51 -4.63 30.99
N LYS C 30 -9.66 -5.21 31.35
CA LYS C 30 -10.94 -4.56 31.18
C LYS C 30 -11.11 -3.23 31.92
N PRO C 31 -10.70 -3.13 33.20
CA PRO C 31 -10.94 -1.87 33.86
C PRO C 31 -10.13 -0.74 33.27
N GLN C 32 -8.90 -1.02 32.81
CA GLN C 32 -8.11 -0.07 32.01
C GLN C 32 -8.73 0.31 30.65
N TRP C 33 -9.16 -0.69 29.91
CA TRP C 33 -9.59 -0.47 28.54
C TRP C 33 -11.02 0.02 28.34
N THR C 34 -11.92 -0.55 29.15
CA THR C 34 -13.33 -0.26 29.11
C THR C 34 -13.60 1.25 29.08
N PRO C 35 -13.18 2.03 30.11
CA PRO C 35 -13.42 3.48 30.07
C PRO C 35 -12.87 4.20 28.85
N PHE C 36 -11.76 3.70 28.27
CA PHE C 36 -11.13 4.29 27.07
C PHE C 36 -11.98 4.10 25.81
N LEU C 37 -12.45 2.88 25.61
CA LEU C 37 -13.30 2.51 24.47
C LEU C 37 -14.72 3.10 24.58
N GLN C 38 -15.15 3.35 25.81
CA GLN C 38 -16.41 4.04 26.09
C GLN C 38 -16.34 5.48 25.58
N ASP C 39 -15.35 6.22 26.10
CA ASP C 39 -14.97 7.50 25.56
C ASP C 39 -14.92 7.54 24.02
N MSE C 40 -14.26 6.57 23.40
CA MSE C 40 -14.19 6.50 21.94
C MSE C 40 -15.56 6.35 21.28
O MSE C 40 -15.86 7.04 20.28
CB MSE C 40 -13.30 5.35 21.49
CG MSE C 40 -12.78 5.50 20.07
SE MSE C 40 -11.50 4.10 19.67
CE MSE C 40 -12.46 3.12 18.30
N GLU C 41 -16.40 5.46 21.84
CA GLU C 41 -17.78 5.28 21.36
C GLU C 41 -18.54 6.64 21.42
N LYS C 42 -18.56 7.22 22.64
CA LYS C 42 -19.07 8.54 22.97
C LYS C 42 -18.65 9.63 21.97
N LYS C 43 -17.37 9.98 21.93
CA LYS C 43 -16.83 10.92 20.95
C LYS C 43 -17.18 10.59 19.49
N LEU C 44 -16.95 9.35 19.08
CA LEU C 44 -17.02 9.03 17.65
C LEU C 44 -18.41 8.70 17.14
N GLY C 45 -19.32 8.41 18.07
CA GLY C 45 -20.70 8.07 17.74
C GLY C 45 -20.79 6.75 16.98
N VAL C 46 -19.74 5.94 17.10
CA VAL C 46 -19.75 4.60 16.51
C VAL C 46 -19.48 3.64 17.64
N LYS C 47 -20.35 2.64 17.80
CA LYS C 47 -20.12 1.56 18.74
C LYS C 47 -18.68 0.96 18.58
N VAL C 48 -18.02 0.71 19.70
CA VAL C 48 -16.67 0.11 19.71
C VAL C 48 -16.54 -1.14 20.63
N ASN C 49 -16.17 -2.27 20.02
CA ASN C 49 -16.05 -3.54 20.70
C ASN C 49 -14.59 -3.96 20.88
N ALA C 50 -14.22 -4.32 22.10
CA ALA C 50 -12.92 -4.88 22.40
C ALA C 50 -12.79 -6.22 21.72
N PHE C 51 -11.68 -6.45 21.02
CA PHE C 51 -11.42 -7.78 20.48
C PHE C 51 -10.24 -8.39 21.22
N PHE C 52 -10.50 -9.46 21.97
CA PHE C 52 -9.46 -10.17 22.70
C PHE C 52 -9.15 -11.49 22.00
N ALA C 53 -7.94 -11.98 22.15
CA ALA C 53 -7.59 -13.29 21.66
C ALA C 53 -6.66 -13.98 22.68
N PRO C 54 -6.51 -15.32 22.56
CA PRO C 54 -5.62 -16.06 23.50
C PRO C 54 -4.18 -15.60 23.43
N ASP C 55 -3.74 -15.14 22.27
CA ASP C 55 -2.39 -14.65 22.08
C ASP C 55 -2.34 -13.49 21.02
N TYR C 56 -1.16 -12.98 20.73
CA TYR C 56 -1.00 -11.77 19.90
C TYR C 56 -1.40 -12.10 18.47
N ALA C 57 -1.00 -13.30 18.03
CA ALA C 57 -1.33 -13.87 16.71
C ALA C 57 -2.80 -13.73 16.40
N GLY C 58 -3.63 -14.09 17.36
CA GLY C 58 -5.06 -13.89 17.23
C GLY C 58 -5.47 -12.50 16.82
N ILE C 59 -4.83 -11.47 17.36
CA ILE C 59 -5.10 -10.09 16.96
C ILE C 59 -4.65 -9.79 15.52
N ILE C 60 -3.44 -10.22 15.16
CA ILE C 60 -2.97 -10.10 13.79
C ILE C 60 -3.90 -10.87 12.83
N GLN C 61 -4.24 -12.12 13.19
CA GLN C 61 -5.02 -12.98 12.28
C GLN C 61 -6.49 -12.59 12.25
N GLY C 62 -6.85 -11.67 13.13
CA GLY C 62 -8.17 -11.06 13.13
C GLY C 62 -8.14 -9.92 12.17
N MSE C 63 -7.16 -9.03 12.36
CA MSE C 63 -6.96 -7.92 11.43
C MSE C 63 -6.78 -8.46 10.01
O MSE C 63 -7.41 -7.95 9.07
CB MSE C 63 -5.78 -7.05 11.85
CG MSE C 63 -5.82 -5.70 11.24
SE MSE C 63 -4.33 -4.46 11.66
CE MSE C 63 -5.25 -3.47 13.08
N ARG C 64 -5.94 -9.50 9.85
CA ARG C 64 -5.65 -10.10 8.54
C ARG C 64 -6.94 -10.28 7.77
N PHE C 65 -7.99 -10.66 8.48
CA PHE C 65 -9.26 -11.10 7.90
C PHE C 65 -10.41 -10.14 8.11
N ASN C 66 -10.07 -8.91 8.46
CA ASN C 66 -11.00 -7.76 8.58
C ASN C 66 -11.94 -7.82 9.79
N LYS C 67 -11.60 -8.65 10.76
CA LYS C 67 -12.42 -8.80 11.97
C LYS C 67 -11.96 -7.79 13.01
N VAL C 68 -10.84 -7.13 12.76
CA VAL C 68 -10.24 -6.16 13.70
C VAL C 68 -9.85 -4.91 12.93
N ASP C 69 -10.20 -3.73 13.48
CA ASP C 69 -10.11 -2.43 12.77
C ASP C 69 -9.06 -1.45 13.25
N ILE C 70 -8.86 -1.37 14.57
CA ILE C 70 -7.75 -0.63 15.16
C ILE C 70 -7.20 -1.59 16.19
N ALA C 71 -5.91 -1.53 16.48
CA ALA C 71 -5.39 -2.39 17.54
C ALA C 71 -4.19 -1.76 18.24
N TRP C 72 -4.13 -1.91 19.55
CA TRP C 72 -2.88 -1.67 20.28
C TRP C 72 -2.06 -2.93 20.12
N TYR C 73 -0.87 -2.78 19.53
CA TYR C 73 0.10 -3.84 19.39
C TYR C 73 1.43 -3.45 20.02
N GLY C 74 2.29 -4.44 20.28
CA GLY C 74 3.73 -4.14 20.53
C GLY C 74 4.42 -4.04 19.18
N ASN C 75 5.71 -3.68 19.14
CA ASN C 75 6.35 -3.34 17.86
C ASN C 75 6.46 -4.52 16.91
N LEU C 76 6.84 -5.68 17.41
CA LEU C 76 6.93 -6.91 16.60
C LEU C 76 5.56 -7.29 16.02
N SER C 77 4.52 -7.31 16.83
CA SER C 77 3.21 -7.67 16.31
C SER C 77 2.64 -6.62 15.37
N ALA C 78 2.97 -5.36 15.58
CA ALA C 78 2.58 -4.32 14.64
C ALA C 78 3.37 -4.50 13.35
N MSE C 79 4.65 -4.80 13.48
CA MSE C 79 5.44 -5.04 12.33
C MSE C 79 4.87 -6.19 11.49
O MSE C 79 4.79 -6.12 10.24
CB MSE C 79 6.84 -5.37 12.77
CG MSE C 79 7.91 -5.36 11.69
SE MSE C 79 9.56 -5.95 12.55
CE MSE C 79 9.80 -7.68 11.66
N GLU C 80 4.49 -7.27 12.18
CA GLU C 80 3.94 -8.42 11.50
CA GLU C 80 3.90 -8.44 11.54
C GLU C 80 2.57 -8.09 10.90
N ALA C 81 1.87 -7.12 11.49
CA ALA C 81 0.55 -6.69 11.02
C ALA C 81 0.67 -5.79 9.78
N VAL C 82 1.77 -5.02 9.70
CA VAL C 82 2.09 -4.21 8.53
C VAL C 82 2.42 -5.10 7.31
N ASP C 83 3.28 -6.09 7.53
CA ASP C 83 3.75 -6.94 6.45
C ASP C 83 2.67 -7.91 5.96
N ARG C 84 1.94 -8.52 6.89
CA ARG C 84 1.05 -9.63 6.54
C ARG C 84 -0.44 -9.36 6.77
N ALA C 85 -0.81 -8.24 7.38
CA ALA C 85 -2.23 -8.02 7.68
C ALA C 85 -2.77 -6.67 7.27
N ASN C 86 -2.04 -5.95 6.42
CA ASN C 86 -2.61 -4.70 5.89
C ASN C 86 -2.67 -3.55 6.94
N GLY C 87 -1.75 -3.59 7.90
CA GLY C 87 -1.74 -2.65 9.02
C GLY C 87 -1.02 -1.40 8.59
N GLN C 88 -1.23 -0.34 9.37
CA GLN C 88 -0.46 0.87 9.22
C GLN C 88 -0.40 1.55 10.58
N VAL C 89 0.80 1.88 11.06
CA VAL C 89 0.92 2.66 12.29
C VAL C 89 0.45 4.10 12.04
N PHE C 90 -0.40 4.65 12.90
CA PHE C 90 -0.74 6.09 12.85
C PHE C 90 -0.47 6.87 14.17
N ALA C 91 -0.14 6.15 15.23
CA ALA C 91 0.07 6.76 16.53
C ALA C 91 1.01 5.91 17.36
N GLN C 92 1.64 6.53 18.33
CA GLN C 92 2.50 5.85 19.24
C GLN C 92 2.12 6.23 20.66
N THR C 93 2.09 5.23 21.55
CA THR C 93 1.88 5.44 22.97
C THR C 93 3.04 6.16 23.62
N VAL C 94 2.70 6.93 24.64
CA VAL C 94 3.73 7.69 25.34
C VAL C 94 3.68 7.45 26.85
N ALA C 95 4.81 7.03 27.43
CA ALA C 95 4.87 6.65 28.84
C ALA C 95 4.45 7.84 29.67
N ALA C 96 3.55 7.58 30.63
CA ALA C 96 3.10 8.61 31.56
C ALA C 96 4.25 9.14 32.42
N ASP C 97 5.30 8.34 32.61
CA ASP C 97 6.36 8.75 33.57
C ASP C 97 7.57 9.37 32.81
N GLY C 98 7.39 9.58 31.52
CA GLY C 98 8.34 10.26 30.70
C GLY C 98 9.45 9.35 30.18
N SER C 99 9.40 8.05 30.42
CA SER C 99 10.41 7.13 29.84
C SER C 99 10.40 7.25 28.33
N PRO C 100 11.56 7.09 27.67
CA PRO C 100 11.52 7.21 26.21
C PRO C 100 11.02 5.95 25.53
N GLY C 101 10.72 4.91 26.30
CA GLY C 101 10.33 3.62 25.74
C GLY C 101 10.39 2.63 26.88
N TYR C 102 10.52 1.32 26.62
CA TYR C 102 10.50 0.34 27.72
C TYR C 102 11.55 -0.73 27.52
N TRP C 103 11.75 -1.62 28.50
CA TRP C 103 12.83 -2.61 28.40
C TRP C 103 12.34 -3.99 28.66
N SER C 104 12.93 -4.96 27.97
CA SER C 104 12.73 -6.37 28.27
C SER C 104 13.56 -6.75 29.49
N VAL C 105 13.06 -7.74 30.24
CA VAL C 105 13.78 -8.27 31.42
C VAL C 105 13.65 -9.81 31.53
N LEU C 106 14.49 -10.42 32.37
CA LEU C 106 14.35 -11.83 32.80
C LEU C 106 14.16 -11.75 34.29
N ILE C 107 13.18 -12.49 34.78
CA ILE C 107 12.89 -12.49 36.22
C ILE C 107 13.03 -13.89 36.79
N VAL C 108 13.59 -13.97 37.99
CA VAL C 108 13.61 -15.18 38.81
C VAL C 108 12.94 -14.80 40.12
N ASN C 109 12.72 -15.79 40.99
CA ASN C 109 12.08 -15.54 42.26
C ASN C 109 13.04 -14.85 43.22
N LYS C 110 12.49 -14.09 44.17
CA LYS C 110 13.28 -13.40 45.23
C LYS C 110 14.25 -14.37 45.95
N ASP C 111 13.80 -15.61 46.18
CA ASP C 111 14.53 -16.59 46.94
C ASP C 111 15.69 -17.26 46.16
N SER C 112 15.73 -17.10 44.84
CA SER C 112 16.71 -17.82 44.02
C SER C 112 18.16 -17.31 44.13
N PRO C 113 19.13 -18.23 44.18
CA PRO C 113 20.54 -17.79 44.26
C PRO C 113 21.03 -17.04 43.00
N ILE C 114 20.33 -17.25 41.88
CA ILE C 114 20.70 -16.71 40.59
C ILE C 114 20.57 -15.18 40.56
N ASN C 115 21.67 -14.51 40.22
CA ASN C 115 21.69 -13.06 40.24
C ASN C 115 21.87 -12.44 38.87
N ASN C 116 22.38 -13.22 37.93
CA ASN C 116 22.66 -12.69 36.62
C ASN C 116 22.62 -13.76 35.56
N LEU C 117 22.95 -13.33 34.34
CA LEU C 117 22.84 -14.16 33.17
C LEU C 117 23.83 -15.30 33.18
N ASN C 118 25.01 -15.08 33.77
CA ASN C 118 26.03 -16.12 33.88
C ASN C 118 25.49 -17.27 34.78
N ASP C 119 25.04 -16.92 35.99
CA ASP C 119 24.47 -17.93 36.94
C ASP C 119 23.35 -18.68 36.25
N LEU C 120 22.55 -17.95 35.46
CA LEU C 120 21.41 -18.57 34.84
C LEU C 120 21.83 -19.61 33.80
N LEU C 121 22.75 -19.23 32.95
CA LEU C 121 23.20 -20.10 31.87
C LEU C 121 23.96 -21.33 32.37
N ALA C 122 24.69 -21.17 33.46
CA ALA C 122 25.41 -22.29 34.05
C ALA C 122 24.43 -23.34 34.59
N LYS C 123 23.21 -22.92 34.93
CA LYS C 123 22.28 -23.83 35.59
C LYS C 123 21.11 -24.22 34.70
N ARG C 124 21.21 -23.88 33.41
CA ARG C 124 20.10 -24.02 32.47
C ARG C 124 19.36 -25.33 32.45
N LYS C 125 20.07 -26.46 32.40
CA LYS C 125 19.39 -27.75 32.43
C LYS C 125 18.59 -28.07 33.71
N ASP C 126 18.88 -27.43 34.84
CA ASP C 126 18.08 -27.66 36.04
C ASP C 126 16.84 -26.78 36.11
N LEU C 127 16.72 -25.84 35.16
CA LEU C 127 15.71 -24.76 35.28
C LEU C 127 14.68 -24.75 34.17
N THR C 128 13.42 -24.53 34.56
CA THR C 128 12.33 -24.46 33.61
C THR C 128 12.17 -22.98 33.27
N PHE C 129 11.93 -22.69 32.00
CA PHE C 129 12.00 -21.33 31.51
C PHE C 129 10.67 -20.97 30.92
N GLY C 130 10.13 -19.85 31.41
CA GLY C 130 8.89 -19.31 30.87
C GLY C 130 9.20 -18.30 29.78
N ASN C 131 9.00 -18.72 28.55
CA ASN C 131 9.22 -17.92 27.35
C ASN C 131 7.95 -17.16 27.03
N GLY C 132 8.05 -16.11 26.21
CA GLY C 132 6.89 -15.25 25.96
C GLY C 132 6.10 -15.63 24.72
N ASP C 133 5.08 -14.84 24.41
CA ASP C 133 4.25 -15.02 23.25
C ASP C 133 5.17 -14.90 22.08
N PRO C 134 5.03 -15.78 21.05
CA PRO C 134 5.97 -15.75 19.93
C PRO C 134 5.91 -14.49 19.10
N ASN C 135 4.82 -13.74 19.17
CA ASN C 135 4.81 -12.43 18.50
C ASN C 135 5.11 -11.25 19.42
N SER C 136 5.65 -11.53 20.61
CA SER C 136 6.01 -10.45 21.58
C SER C 136 7.44 -9.90 21.42
N THR C 137 7.58 -8.57 21.38
CA THR C 137 8.87 -7.92 21.30
C THR C 137 9.75 -8.23 22.54
N SER C 138 9.29 -7.89 23.72
CA SER C 138 10.12 -8.06 24.93
C SER C 138 10.02 -9.46 25.50
N GLY C 139 9.01 -10.19 25.12
CA GLY C 139 8.77 -11.51 25.71
C GLY C 139 9.44 -12.64 24.91
N PHE C 140 9.75 -12.37 23.64
CA PHE C 140 10.32 -13.40 22.72
C PHE C 140 11.49 -12.94 21.82
N LEU C 141 11.29 -11.90 21.03
CA LEU C 141 12.36 -11.43 20.09
C LEU C 141 13.59 -10.90 20.79
N VAL C 142 13.40 -9.95 21.69
CA VAL C 142 14.52 -9.30 22.34
C VAL C 142 15.33 -10.30 23.14
N PRO C 143 14.70 -11.04 24.08
CA PRO C 143 15.47 -12.11 24.66
C PRO C 143 15.93 -13.11 23.59
N GLY C 144 15.05 -13.42 22.63
CA GLY C 144 15.42 -14.36 21.59
C GLY C 144 16.84 -14.07 21.10
N TYR C 145 17.16 -12.79 20.90
CA TYR C 145 18.46 -12.44 20.33
C TYR C 145 19.58 -12.29 21.37
N TYR C 146 19.40 -11.38 22.33
CA TYR C 146 20.43 -11.09 23.34
C TYR C 146 20.75 -12.27 24.27
N VAL C 147 19.74 -13.06 24.66
CA VAL C 147 20.00 -14.26 25.49
C VAL C 147 20.26 -15.54 24.69
N PHE C 148 19.31 -15.99 23.89
CA PHE C 148 19.49 -17.27 23.21
C PHE C 148 20.49 -17.24 22.02
N ALA C 149 20.26 -16.36 21.04
CA ALA C 149 21.14 -16.31 19.88
C ALA C 149 22.58 -15.92 20.19
N LYS C 150 22.80 -14.85 20.97
CA LYS C 150 24.16 -14.49 21.37
C LYS C 150 24.90 -15.59 22.14
N ASN C 151 24.18 -16.44 22.88
CA ASN C 151 24.80 -17.58 23.55
C ASN C 151 24.67 -18.92 22.84
N ASN C 152 24.26 -18.91 21.57
CA ASN C 152 24.11 -20.16 20.79
C ASN C 152 23.31 -21.26 21.53
N ILE C 153 22.21 -20.88 22.18
CA ILE C 153 21.24 -21.83 22.79
C ILE C 153 19.84 -21.44 22.42
N SER C 154 18.88 -22.34 22.62
CA SER C 154 17.46 -21.98 22.46
C SER C 154 16.68 -22.37 23.69
N ALA C 155 15.39 -21.97 23.73
CA ALA C 155 14.48 -22.37 24.80
C ALA C 155 14.56 -23.85 25.14
N SER C 156 14.77 -24.68 24.11
CA SER C 156 14.87 -26.15 24.22
C SER C 156 16.01 -26.56 25.13
N ASP C 157 16.98 -25.68 25.32
CA ASP C 157 18.15 -26.07 26.10
C ASP C 157 18.05 -25.92 27.58
N PHE C 158 16.95 -25.35 28.08
CA PHE C 158 16.64 -25.36 29.50
C PHE C 158 16.01 -26.75 29.81
N LYS C 159 15.85 -27.08 31.09
CA LYS C 159 15.24 -28.36 31.47
C LYS C 159 13.95 -28.49 30.71
N ARG C 160 13.11 -27.46 30.80
CA ARG C 160 11.86 -27.44 30.10
C ARG C 160 11.50 -25.99 29.80
N THR C 161 10.73 -25.79 28.73
CA THR C 161 10.22 -24.50 28.35
C THR C 161 8.71 -24.51 28.06
N VAL C 162 8.05 -23.38 28.38
CA VAL C 162 6.66 -23.06 27.99
C VAL C 162 6.48 -21.64 27.39
N ASN C 163 5.45 -21.43 26.56
CA ASN C 163 5.12 -20.08 26.08
C ASN C 163 3.91 -19.42 26.81
N ALA C 164 4.11 -18.22 27.36
CA ALA C 164 2.97 -17.57 28.02
C ALA C 164 2.98 -16.04 27.86
N GLY C 165 1.85 -15.41 28.14
CA GLY C 165 1.74 -13.91 28.22
C GLY C 165 2.60 -13.35 29.35
N HIS C 166 2.76 -12.03 29.39
CA HIS C 166 3.61 -11.41 30.41
C HIS C 166 3.13 -11.60 31.85
N GLU C 167 1.84 -11.37 32.09
CA GLU C 167 1.27 -11.53 33.39
C GLU C 167 1.40 -12.94 33.89
N THR C 168 1.00 -13.91 33.06
CA THR C 168 1.13 -15.31 33.38
C THR C 168 2.58 -15.67 33.76
N ASN C 169 3.56 -15.15 33.05
CA ASN C 169 4.96 -15.49 33.35
C ASN C 169 5.44 -14.86 34.67
N ALA C 170 5.09 -13.60 34.93
CA ALA C 170 5.52 -12.98 36.18
C ALA C 170 4.91 -13.67 37.41
N LEU C 171 3.60 -13.98 37.33
CA LEU C 171 2.94 -14.75 38.42
C LEU C 171 3.58 -16.13 38.65
N ALA C 172 3.75 -16.91 37.59
CA ALA C 172 4.48 -18.16 37.66
C ALA C 172 5.79 -18.04 38.44
N VAL C 173 6.59 -17.03 38.09
CA VAL C 173 7.88 -16.86 38.75
C VAL C 173 7.66 -16.52 40.24
N ALA C 174 6.74 -15.60 40.50
CA ALA C 174 6.39 -15.19 41.84
C ALA C 174 5.99 -16.42 42.65
N ASN C 175 5.26 -17.34 42.01
CA ASN C 175 4.62 -18.47 42.67
C ASN C 175 5.50 -19.70 42.72
N LYS C 176 6.70 -19.57 42.12
CA LYS C 176 7.63 -20.68 41.99
C LYS C 176 7.11 -21.82 41.08
N GLN C 177 6.26 -21.47 40.12
CA GLN C 177 5.77 -22.41 39.10
CA GLN C 177 5.78 -22.41 39.12
C GLN C 177 6.75 -22.52 37.93
N VAL C 178 7.61 -21.53 37.80
CA VAL C 178 8.63 -21.52 36.77
C VAL C 178 9.84 -20.85 37.44
N ASP C 179 11.07 -21.30 37.09
CA ASP C 179 12.31 -20.75 37.71
C ASP C 179 12.75 -19.39 37.17
N VAL C 180 12.48 -19.13 35.90
CA VAL C 180 12.98 -17.91 35.25
C VAL C 180 11.98 -17.61 34.16
N ALA C 181 11.69 -16.32 33.90
CA ALA C 181 10.81 -15.95 32.77
C ALA C 181 11.25 -14.63 32.08
N THR C 182 10.84 -14.48 30.82
CA THR C 182 10.88 -13.19 30.10
C THR C 182 9.71 -12.34 30.60
N ASN C 183 9.89 -11.03 30.53
CA ASN C 183 8.91 -10.03 30.90
C ASN C 183 9.38 -8.66 30.41
N ASN C 184 8.74 -7.59 30.85
CA ASN C 184 9.11 -6.22 30.48
C ASN C 184 8.72 -5.26 31.61
N THR C 185 9.37 -4.09 31.67
CA THR C 185 9.20 -3.17 32.79
C THR C 185 7.81 -2.48 32.91
N GLU C 186 7.03 -2.42 31.83
CA GLU C 186 5.65 -1.91 31.90
C GLU C 186 4.70 -2.90 32.61
N ASN C 187 4.75 -4.16 32.22
CA ASN C 187 4.01 -5.20 32.90
C ASN C 187 4.37 -5.35 34.37
N LEU C 188 5.65 -5.22 34.73
CA LEU C 188 6.02 -5.15 36.15
C LEU C 188 5.34 -3.98 36.84
N ASP C 189 5.32 -2.83 36.16
CA ASP C 189 4.56 -1.72 36.68
C ASP C 189 3.06 -2.04 36.81
N LYS C 190 2.51 -2.81 35.89
CA LYS C 190 1.08 -3.16 35.91
C LYS C 190 0.77 -4.12 37.08
N LEU C 191 1.78 -4.90 37.44
CA LEU C 191 1.72 -5.81 38.56
C LEU C 191 1.55 -5.13 39.94
N LYS C 192 2.17 -3.96 40.09
CA LYS C 192 1.98 -3.08 41.25
C LYS C 192 0.48 -2.76 41.60
N THR C 193 -0.39 -2.79 40.60
CA THR C 193 -1.79 -2.52 40.78
C THR C 193 -2.55 -3.81 40.95
N SER C 194 -2.36 -4.71 39.99
CA SER C 194 -3.08 -5.97 39.92
C SER C 194 -2.68 -6.97 41.00
N ALA C 195 -1.40 -6.97 41.41
CA ALA C 195 -0.92 -7.97 42.37
C ALA C 195 0.35 -7.55 43.12
N PRO C 196 0.25 -6.52 43.99
CA PRO C 196 1.46 -5.96 44.59
C PRO C 196 2.26 -6.94 45.45
N GLU C 197 1.61 -7.86 46.12
CA GLU C 197 2.36 -8.83 46.93
C GLU C 197 3.15 -9.81 46.02
N LYS C 198 2.61 -10.06 44.81
CA LYS C 198 3.33 -10.90 43.83
C LYS C 198 4.59 -10.23 43.30
N LEU C 199 4.49 -8.93 43.02
CA LEU C 199 5.63 -8.13 42.56
C LEU C 199 6.83 -8.17 43.50
N LYS C 200 6.56 -8.08 44.81
CA LYS C 200 7.62 -8.06 45.82
C LYS C 200 8.40 -9.36 45.76
N GLU C 201 7.78 -10.37 45.21
CA GLU C 201 8.42 -11.65 45.14
C GLU C 201 9.45 -11.78 43.97
N LEU C 202 9.50 -10.78 43.08
CA LEU C 202 10.34 -10.91 41.86
C LEU C 202 11.68 -10.19 41.93
N LYS C 203 12.63 -10.69 41.16
CA LYS C 203 13.99 -10.16 41.06
C LYS C 203 14.43 -10.16 39.59
N VAL C 204 14.84 -9.01 39.10
CA VAL C 204 15.35 -8.91 37.72
C VAL C 204 16.83 -9.33 37.65
N ILE C 205 17.15 -10.27 36.74
CA ILE C 205 18.56 -10.67 36.56
C ILE C 205 19.19 -10.19 35.26
N TRP C 206 18.37 -9.71 34.33
CA TRP C 206 18.86 -9.21 33.04
C TRP C 206 17.90 -8.14 32.55
N LYS C 207 18.40 -7.15 31.83
CA LYS C 207 17.58 -6.09 31.23
C LYS C 207 18.12 -5.72 29.85
N SER C 208 17.24 -5.65 28.84
CA SER C 208 17.62 -5.39 27.45
C SER C 208 17.96 -3.92 27.16
N PRO C 209 18.49 -3.63 25.94
CA PRO C 209 18.48 -2.24 25.45
C PRO C 209 17.04 -1.72 25.32
N LEU C 210 16.87 -0.42 25.18
CA LEU C 210 15.58 0.21 25.02
C LEU C 210 14.76 -0.26 23.81
N ILE C 211 13.44 -0.34 23.98
CA ILE C 211 12.52 -0.69 22.91
C ILE C 211 11.63 0.53 22.78
N PRO C 212 11.32 0.92 21.53
CA PRO C 212 10.40 2.01 21.31
C PRO C 212 8.98 1.74 21.84
N GLY C 213 8.26 2.83 22.11
CA GLY C 213 6.87 2.81 22.56
C GLY C 213 5.97 2.06 21.58
N ASP C 214 4.96 1.37 22.13
CA ASP C 214 4.05 0.57 21.33
C ASP C 214 3.29 1.49 20.37
N PRO C 215 3.02 1.00 19.14
CA PRO C 215 2.21 1.67 18.14
C PRO C 215 0.72 1.37 18.35
N ILE C 216 -0.14 2.23 17.82
CA ILE C 216 -1.55 1.87 17.52
C ILE C 216 -1.68 1.80 16.03
N VAL C 217 -2.28 0.72 15.54
CA VAL C 217 -2.27 0.39 14.14
C VAL C 217 -3.71 0.20 13.65
N TRP C 218 -4.06 0.89 12.57
CA TRP C 218 -5.27 0.58 11.82
C TRP C 218 -5.00 -0.36 10.61
N ARG C 219 -6.04 -1.00 10.12
CA ARG C 219 -5.98 -1.54 8.76
C ARG C 219 -6.23 -0.39 7.77
N LYS C 220 -5.35 -0.28 6.78
CA LYS C 220 -5.34 0.81 5.81
C LYS C 220 -6.43 0.75 4.75
N ASN C 221 -7.12 -0.38 4.61
CA ASN C 221 -8.24 -0.38 3.68
C ASN C 221 -9.53 0.26 4.25
N LEU C 222 -9.52 0.69 5.52
CA LEU C 222 -10.65 1.45 6.07
C LEU C 222 -10.92 2.71 5.24
N SER C 223 -12.15 3.23 5.29
CA SER C 223 -12.47 4.41 4.52
C SER C 223 -11.66 5.56 5.04
N GLU C 224 -11.34 6.50 4.16
CA GLU C 224 -10.64 7.74 4.53
C GLU C 224 -11.39 8.53 5.61
N THR C 225 -12.71 8.60 5.44
CA THR C 225 -13.59 9.30 6.37
C THR C 225 -13.46 8.70 7.75
N THR C 226 -13.31 7.39 7.81
CA THR C 226 -13.17 6.70 9.10
C THR C 226 -11.77 6.93 9.69
N LYS C 227 -10.75 6.73 8.87
CA LYS C 227 -9.37 6.96 9.27
C LYS C 227 -9.22 8.35 9.84
N ASP C 228 -10.02 9.29 9.31
CA ASP C 228 -9.94 10.68 9.69
C ASP C 228 -10.47 10.89 11.10
N LYS C 229 -11.62 10.28 11.39
CA LYS C 229 -12.23 10.33 12.71
C LYS C 229 -11.37 9.59 13.76
N ILE C 230 -10.84 8.43 13.40
CA ILE C 230 -9.95 7.72 14.34
C ILE C 230 -8.76 8.62 14.70
N TYR C 231 -8.15 9.20 13.67
CA TYR C 231 -6.92 9.99 13.82
C TYR C 231 -7.13 11.16 14.76
N ASP C 232 -8.18 11.95 14.50
CA ASP C 232 -8.62 13.07 15.36
C ASP C 232 -8.87 12.67 16.82
N PHE C 233 -9.57 11.54 17.01
CA PHE C 233 -9.75 11.03 18.37
C PHE C 233 -8.43 10.86 19.11
N PHE C 234 -7.48 10.21 18.45
CA PHE C 234 -6.22 9.82 19.13
C PHE C 234 -5.31 11.02 19.34
N MSE C 235 -5.24 11.89 18.35
CA MSE C 235 -4.50 13.15 18.51
C MSE C 235 -5.06 14.09 19.63
O MSE C 235 -4.28 14.67 20.38
CB MSE C 235 -4.40 13.90 17.18
CG MSE C 235 -3.70 13.07 16.07
SE MSE C 235 -1.94 12.47 16.61
CE MSE C 235 -2.37 10.62 17.17
N ASN C 236 -6.37 14.19 19.76
CA ASN C 236 -6.98 15.10 20.73
C ASN C 236 -7.28 14.48 22.09
N TYR C 237 -7.34 13.15 22.19
CA TYR C 237 -7.60 12.52 23.50
C TYR C 237 -6.63 13.00 24.58
N GLY C 238 -7.17 13.21 25.78
CA GLY C 238 -6.35 13.63 26.90
C GLY C 238 -6.36 15.13 27.10
N LYS C 239 -7.29 15.84 26.47
CA LYS C 239 -7.33 17.28 26.79
C LYS C 239 -7.99 17.56 28.16
N THR C 240 -8.97 16.76 28.56
CA THR C 240 -9.58 16.94 29.89
C THR C 240 -8.78 16.20 30.97
N PRO C 241 -8.85 16.66 32.25
CA PRO C 241 -8.34 15.83 33.34
C PRO C 241 -8.92 14.41 33.36
N GLU C 242 -10.22 14.23 33.02
CA GLU C 242 -10.88 12.91 33.03
C GLU C 242 -10.26 11.92 32.01
N GLU C 243 -9.92 12.45 30.84
CA GLU C 243 -9.29 11.65 29.78
C GLU C 243 -7.85 11.28 30.12
N LYS C 244 -7.15 12.20 30.79
CA LYS C 244 -5.78 12.00 31.24
C LYS C 244 -5.64 10.93 32.34
N ALA C 245 -6.68 10.82 33.17
CA ALA C 245 -6.84 9.73 34.13
C ALA C 245 -6.99 8.37 33.46
N VAL C 246 -7.90 8.26 32.49
CA VAL C 246 -8.03 7.02 31.71
C VAL C 246 -6.66 6.53 31.18
N LEU C 247 -5.88 7.46 30.63
CA LEU C 247 -4.55 7.16 30.08
C LEU C 247 -3.57 6.86 31.17
N GLU C 248 -3.62 7.62 32.27
CA GLU C 248 -2.73 7.37 33.36
C GLU C 248 -2.94 5.92 33.88
N ARG C 249 -4.19 5.46 33.92
CA ARG C 249 -4.45 4.08 34.29
C ARG C 249 -3.88 3.10 33.26
N LEU C 250 -3.87 3.50 32.00
CA LEU C 250 -3.29 2.66 30.94
C LEU C 250 -1.79 2.73 30.99
N GLY C 251 -1.27 3.59 31.87
CA GLY C 251 0.16 3.84 31.91
C GLY C 251 0.67 4.91 30.94
N TRP C 252 -0.20 5.73 30.38
CA TRP C 252 0.25 6.60 29.27
C TRP C 252 -0.03 8.07 29.45
N ALA C 253 0.68 8.88 28.66
CA ALA C 253 0.35 10.29 28.45
C ALA C 253 -0.47 10.38 27.15
N PRO C 254 -0.74 11.63 26.64
CA PRO C 254 -1.42 11.59 25.33
C PRO C 254 -0.54 11.01 24.17
N PHE C 255 -1.16 10.29 23.25
CA PHE C 255 -0.47 9.70 22.08
C PHE C 255 0.28 10.75 21.26
N ARG C 256 1.32 10.34 20.56
CA ARG C 256 1.89 11.24 19.59
C ARG C 256 1.51 10.62 18.25
N ALA C 257 1.66 11.41 17.18
CA ALA C 257 1.45 10.95 15.81
C ALA C 257 2.61 10.03 15.48
N SER C 258 2.41 8.99 14.69
CA SER C 258 3.53 8.16 14.39
C SER C 258 3.32 7.50 13.05
N SER C 259 4.28 6.66 12.66
CA SER C 259 4.19 6.01 11.36
C SER C 259 4.93 4.73 11.45
N ASP C 260 4.91 3.95 10.38
CA ASP C 260 5.67 2.70 10.25
C ASP C 260 7.17 2.83 10.39
N LEU C 261 7.69 4.06 10.20
CA LEU C 261 9.12 4.32 10.47
C LEU C 261 9.57 3.99 11.92
N GLN C 262 8.64 4.00 12.89
CA GLN C 262 9.00 3.70 14.30
C GLN C 262 9.41 2.22 14.52
N LEU C 263 9.08 1.40 13.53
CA LEU C 263 9.43 -0.04 13.52
C LEU C 263 10.86 -0.36 13.05
N VAL C 264 11.51 0.60 12.41
CA VAL C 264 12.82 0.39 11.80
C VAL C 264 13.73 -0.39 12.73
N PRO C 265 14.01 0.09 13.97
CA PRO C 265 14.92 -0.60 14.92
C PRO C 265 14.53 -2.05 15.24
N ILE C 266 13.24 -2.33 15.27
CA ILE C 266 12.75 -3.67 15.51
C ILE C 266 12.96 -4.54 14.26
N ARG C 267 12.69 -3.97 13.08
CA ARG C 267 13.21 -4.49 11.80
C ARG C 267 14.71 -4.82 11.91
N GLN C 268 15.51 -3.97 12.52
CA GLN C 268 16.95 -4.27 12.58
C GLN C 268 17.30 -5.41 13.53
N LEU C 269 16.76 -5.32 14.73
CA LEU C 269 16.79 -6.41 15.71
C LEU C 269 16.43 -7.73 15.07
N ALA C 270 15.35 -7.81 14.32
CA ALA C 270 15.01 -9.11 13.72
C ALA C 270 16.12 -9.61 12.79
N LEU C 271 16.78 -8.66 12.12
CA LEU C 271 17.86 -9.00 11.21
C LEU C 271 19.11 -9.44 11.98
N PHE C 272 19.39 -8.82 13.12
CA PHE C 272 20.54 -9.18 13.96
C PHE C 272 20.41 -10.66 14.31
N LYS C 273 19.22 -11.06 14.76
CA LYS C 273 18.95 -12.43 15.21
C LYS C 273 19.05 -13.41 14.07
N GLU C 274 18.51 -13.05 12.92
CA GLU C 274 18.53 -13.96 11.78
C GLU C 274 19.94 -14.34 11.31
N MSE C 275 20.81 -13.33 11.22
CA MSE C 275 22.23 -13.48 10.89
C MSE C 275 22.84 -14.41 11.94
O MSE C 275 23.33 -15.50 11.63
CB MSE C 275 22.88 -12.11 10.97
CG MSE C 275 24.18 -11.89 10.20
SE MSE C 275 24.82 -10.00 10.40
CE MSE C 275 25.16 -9.91 12.33
N GLN C 276 22.76 -13.96 13.20
CA GLN C 276 23.18 -14.76 14.34
C GLN C 276 22.26 -15.98 14.43
N THR C 293 24.31 -15.46 4.35
CA THR C 293 24.01 -14.29 5.16
C THR C 293 24.36 -13.00 4.45
N THR C 294 25.01 -13.10 3.28
CA THR C 294 25.31 -11.86 2.56
C THR C 294 23.97 -11.11 2.23
N ALA C 295 22.93 -11.90 1.96
CA ALA C 295 21.54 -11.45 1.77
C ALA C 295 20.91 -10.67 2.96
N ILE C 296 21.15 -11.15 4.19
CA ILE C 296 20.71 -10.42 5.38
C ILE C 296 21.51 -9.14 5.64
N GLN C 297 22.79 -9.16 5.33
CA GLN C 297 23.63 -7.99 5.51
C GLN C 297 23.16 -6.81 4.60
N ALA C 298 22.70 -7.13 3.39
CA ALA C 298 22.28 -6.09 2.43
C ALA C 298 21.11 -5.22 2.95
N GLN C 299 20.22 -5.82 3.73
CA GLN C 299 19.15 -5.05 4.35
C GLN C 299 19.69 -4.20 5.52
N LEU C 300 20.54 -4.81 6.35
CA LEU C 300 21.06 -4.17 7.56
C LEU C 300 21.74 -2.85 7.26
N ASP C 301 22.37 -2.79 6.08
CA ASP C 301 23.10 -1.59 5.65
C ASP C 301 22.21 -0.35 5.48
N ASP C 302 21.15 -0.54 4.71
CA ASP C 302 20.26 0.56 4.39
C ASP C 302 19.47 1.03 5.60
N LEU C 303 18.96 0.08 6.40
CA LEU C 303 18.20 0.41 7.61
C LEU C 303 18.90 1.34 8.56
N ASP C 304 20.18 1.10 8.82
CA ASP C 304 20.89 1.97 9.76
C ASP C 304 21.14 3.38 9.17
N ARG C 305 21.25 3.44 7.85
CA ARG C 305 21.35 4.75 7.19
C ARG C 305 20.04 5.47 7.42
N LEU C 306 18.94 4.75 7.23
CA LEU C 306 17.60 5.25 7.60
C LEU C 306 17.48 5.70 9.05
N ASN C 307 18.10 4.97 10.00
CA ASN C 307 17.85 5.25 11.43
C ASN C 307 18.59 6.48 11.92
N ASN C 308 19.83 6.59 11.48
CA ASN C 308 20.61 7.78 11.68
C ASN C 308 19.79 8.96 11.22
N ALA C 309 19.15 8.82 10.06
CA ALA C 309 18.35 9.93 9.54
C ALA C 309 17.23 10.28 10.55
N LEU C 310 16.44 9.25 10.91
CA LEU C 310 15.35 9.45 11.88
C LEU C 310 15.88 10.06 13.15
N SER C 311 16.91 9.45 13.74
CA SER C 311 17.52 10.01 14.94
C SER C 311 17.83 11.51 14.84
N ALA C 312 18.28 11.96 13.67
CA ALA C 312 18.67 13.36 13.50
C ALA C 312 17.58 14.15 12.77
N MSE C 313 16.55 14.59 13.48
CA MSE C 313 15.43 15.29 12.84
C MSE C 313 14.67 16.27 13.70
O MSE C 313 14.09 17.22 13.17
CB MSE C 313 14.43 14.32 12.20
CG MSE C 313 14.72 14.02 10.73
SE MSE C 313 13.24 13.20 9.71
CE MSE C 313 14.31 12.50 8.20
N LYS D 14 37.34 4.53 -11.33
CA LYS D 14 36.43 5.51 -12.02
C LYS D 14 36.39 6.87 -11.32
N ALA D 15 36.36 7.93 -12.12
CA ALA D 15 36.23 9.28 -11.55
C ALA D 15 34.78 9.56 -11.16
N LEU D 16 34.59 10.20 -10.01
CA LEU D 16 33.26 10.58 -9.56
C LEU D 16 32.86 11.93 -10.06
N ASN D 17 31.60 12.03 -10.47
CA ASN D 17 31.07 13.25 -11.02
C ASN D 17 30.05 13.90 -10.12
N PHE D 18 30.39 15.12 -9.70
CA PHE D 18 29.67 15.86 -8.66
C PHE D 18 28.86 17.07 -9.16
N GLY D 19 27.53 16.95 -9.09
CA GLY D 19 26.61 18.01 -9.55
C GLY D 19 26.43 19.16 -8.59
N ILE D 20 26.64 20.37 -9.09
CA ILE D 20 26.53 21.61 -8.32
C ILE D 20 25.45 22.41 -9.03
N ILE D 21 24.35 22.67 -8.31
CA ILE D 21 23.23 23.37 -8.95
C ILE D 21 23.61 24.81 -9.23
N SER D 22 23.09 25.33 -10.33
CA SER D 22 23.40 26.72 -10.73
C SER D 22 22.81 27.87 -9.87
N THR D 23 23.03 27.87 -8.56
CA THR D 23 22.53 29.01 -7.78
C THR D 23 23.30 30.25 -8.17
N GLU D 24 24.58 30.09 -8.47
CA GLU D 24 25.42 31.20 -8.90
C GLU D 24 26.11 30.83 -10.23
N SER D 25 26.94 31.75 -10.75
CA SER D 25 27.71 31.49 -11.95
C SER D 25 28.81 30.54 -11.54
N GLN D 26 29.39 29.88 -12.52
CA GLN D 26 30.56 29.02 -12.23
C GLN D 26 31.69 29.78 -11.53
N GLN D 27 31.95 30.98 -12.04
CA GLN D 27 33.05 31.81 -11.60
C GLN D 27 32.98 32.13 -10.09
N ASN D 28 31.75 32.19 -9.55
CA ASN D 28 31.57 32.46 -8.12
C ASN D 28 31.40 31.17 -7.30
N LEU D 29 31.05 30.07 -7.98
CA LEU D 29 30.90 28.75 -7.33
C LEU D 29 32.26 28.07 -7.05
N LYS D 30 33.14 28.12 -8.06
CA LYS D 30 34.43 27.44 -8.00
C LYS D 30 35.25 27.76 -6.75
N PRO D 31 35.37 29.05 -6.37
CA PRO D 31 36.12 29.27 -5.11
C PRO D 31 35.51 28.57 -3.89
N GLN D 32 34.20 28.40 -3.84
CA GLN D 32 33.63 27.65 -2.70
C GLN D 32 33.76 26.16 -2.91
N TRP D 33 33.60 25.71 -4.16
CA TRP D 33 33.44 24.28 -4.48
C TRP D 33 34.73 23.52 -4.74
N THR D 34 35.67 24.16 -5.43
CA THR D 34 37.00 23.59 -5.71
C THR D 34 37.72 22.95 -4.51
N PRO D 35 37.98 23.73 -3.43
CA PRO D 35 38.71 23.24 -2.28
C PRO D 35 37.93 22.17 -1.54
N PHE D 36 36.59 22.23 -1.61
CA PHE D 36 35.74 21.17 -1.05
C PHE D 36 35.95 19.88 -1.80
N LEU D 37 35.90 19.95 -3.13
CA LEU D 37 36.00 18.74 -3.96
C LEU D 37 37.43 18.17 -4.00
N GLN D 38 38.43 19.04 -3.75
CA GLN D 38 39.84 18.62 -3.66
C GLN D 38 40.08 17.72 -2.44
N ASP D 39 39.60 18.15 -1.27
CA ASP D 39 39.60 17.29 -0.09
C ASP D 39 38.80 16.01 -0.31
N MSE D 40 37.75 16.10 -1.10
CA MSE D 40 36.92 14.94 -1.39
C MSE D 40 37.73 13.92 -2.19
O MSE D 40 37.80 12.75 -1.79
CB MSE D 40 35.63 15.31 -2.12
CG MSE D 40 34.49 14.34 -1.85
SE MSE D 40 32.84 14.58 -2.93
CE MSE D 40 32.91 13.07 -4.17
N GLU D 41 38.33 14.36 -3.27
CA GLU D 41 39.38 13.63 -3.95
C GLU D 41 40.32 12.89 -2.96
N LYS D 42 41.04 13.65 -2.15
CA LYS D 42 41.96 13.09 -1.17
C LYS D 42 41.33 11.90 -0.42
N LYS D 43 40.34 12.14 0.43
CA LYS D 43 39.76 11.08 1.22
C LYS D 43 39.22 9.89 0.39
N LEU D 44 38.38 10.17 -0.58
CA LEU D 44 37.75 9.15 -1.40
C LEU D 44 38.77 8.40 -2.21
N GLY D 45 39.98 8.96 -2.23
CA GLY D 45 41.10 8.40 -2.97
C GLY D 45 40.80 8.22 -4.44
N VAL D 46 39.91 9.08 -4.96
CA VAL D 46 39.47 8.98 -6.36
C VAL D 46 39.23 10.38 -6.95
N LYS D 47 39.36 10.49 -8.26
CA LYS D 47 39.15 11.76 -8.93
C LYS D 47 37.70 12.19 -8.73
N VAL D 48 37.55 13.45 -8.32
CA VAL D 48 36.24 14.09 -8.27
C VAL D 48 36.20 15.26 -9.28
N ASN D 49 35.34 15.15 -10.28
CA ASN D 49 35.03 16.23 -11.22
C ASN D 49 33.76 17.00 -10.84
N ALA D 50 33.86 18.33 -10.87
CA ALA D 50 32.68 19.21 -10.83
C ALA D 50 31.86 19.04 -12.11
N PHE D 51 30.54 19.03 -11.98
CA PHE D 51 29.62 18.97 -13.11
C PHE D 51 28.66 20.16 -13.00
N PHE D 52 28.86 21.17 -13.84
CA PHE D 52 27.94 22.33 -13.86
C PHE D 52 26.96 22.28 -15.04
N ALA D 53 25.85 22.98 -14.90
CA ALA D 53 24.92 23.06 -16.01
C ALA D 53 24.26 24.44 -16.03
N PRO D 54 23.71 24.88 -17.18
CA PRO D 54 23.01 26.19 -17.21
C PRO D 54 21.75 26.28 -16.34
N ASP D 55 21.20 25.15 -15.89
CA ASP D 55 20.00 25.12 -15.05
C ASP D 55 19.89 23.78 -14.26
N TYR D 56 18.96 23.71 -13.30
CA TYR D 56 18.84 22.53 -12.45
C TYR D 56 18.52 21.26 -13.24
N ALA D 57 17.65 21.35 -14.23
CA ALA D 57 17.30 20.22 -15.09
C ALA D 57 18.52 19.49 -15.66
N GLY D 58 19.58 20.25 -16.01
CA GLY D 58 20.82 19.73 -16.54
C GLY D 58 21.61 18.84 -15.60
N ILE D 59 21.38 19.04 -14.30
CA ILE D 59 21.98 18.20 -13.27
C ILE D 59 21.13 16.92 -13.10
N ILE D 60 19.84 17.11 -13.00
CA ILE D 60 18.90 16.02 -12.91
C ILE D 60 18.99 15.06 -14.11
N GLN D 61 18.94 15.63 -15.32
CA GLN D 61 19.08 14.86 -16.57
C GLN D 61 20.46 14.18 -16.65
N GLY D 62 21.48 14.81 -16.06
CA GLY D 62 22.83 14.23 -15.99
C GLY D 62 22.81 13.00 -15.11
N MSE D 63 22.24 13.14 -13.91
CA MSE D 63 22.13 12.00 -13.01
C MSE D 63 21.33 10.86 -13.65
O MSE D 63 21.74 9.74 -13.56
CB MSE D 63 21.50 12.36 -11.68
CG MSE D 63 21.48 11.20 -10.69
SE MSE D 63 20.97 11.82 -8.91
CE MSE D 63 22.63 12.50 -8.20
N ARG D 64 20.22 11.21 -14.31
CA ARG D 64 19.33 10.23 -14.97
C ARG D 64 20.17 9.39 -15.92
N PHE D 65 21.09 10.04 -16.63
CA PHE D 65 21.93 9.35 -17.57
C PHE D 65 23.32 8.93 -17.05
N ASN D 66 23.48 8.90 -15.73
CA ASN D 66 24.72 8.40 -15.11
C ASN D 66 25.92 9.29 -15.40
N LYS D 67 25.67 10.49 -15.90
CA LYS D 67 26.72 11.49 -16.09
C LYS D 67 27.14 12.17 -14.76
N VAL D 68 26.21 12.16 -13.80
CA VAL D 68 26.36 12.77 -12.47
C VAL D 68 26.15 11.70 -11.41
N ASP D 69 27.00 11.67 -10.38
CA ASP D 69 27.06 10.57 -9.40
C ASP D 69 26.60 10.96 -8.00
N ILE D 70 26.89 12.21 -7.66
CA ILE D 70 26.45 12.83 -6.42
C ILE D 70 26.17 14.29 -6.81
N ALA D 71 25.14 14.87 -6.25
CA ALA D 71 24.85 16.29 -6.54
C ALA D 71 24.32 17.00 -5.35
N TRP D 72 24.71 18.27 -5.20
CA TRP D 72 24.00 19.18 -4.30
C TRP D 72 22.79 19.73 -5.01
N TYR D 73 21.65 19.46 -4.42
CA TYR D 73 20.36 19.88 -4.95
C TYR D 73 19.63 20.77 -3.95
N GLY D 74 18.70 21.59 -4.43
CA GLY D 74 17.60 22.06 -3.57
C GLY D 74 16.59 20.94 -3.33
N ASN D 75 15.57 21.18 -2.48
CA ASN D 75 14.55 20.14 -2.20
C ASN D 75 13.71 19.73 -3.41
N LEU D 76 13.24 20.71 -4.20
CA LEU D 76 12.43 20.36 -5.36
C LEU D 76 13.21 19.50 -6.36
N SER D 77 14.44 19.92 -6.70
CA SER D 77 15.22 19.16 -7.73
C SER D 77 15.68 17.82 -7.23
N ALA D 78 15.92 17.74 -5.91
CA ALA D 78 16.12 16.44 -5.21
C ALA D 78 14.93 15.50 -5.39
N MSE D 79 13.73 16.06 -5.28
CA MSE D 79 12.53 15.25 -5.40
CA MSE D 79 12.49 15.29 -5.41
C MSE D 79 12.39 14.68 -6.79
O MSE D 79 12.00 13.50 -6.95
CB MSE D 79 11.30 16.09 -5.09
CB MSE D 79 11.28 16.18 -5.17
CG MSE D 79 10.17 15.31 -4.48
CG MSE D 79 9.94 15.62 -5.68
SE MSE D 79 8.55 16.40 -4.47
SE MSE D 79 8.45 16.90 -5.52
CE MSE D 79 7.70 15.66 -6.09
CE MSE D 79 9.14 17.83 -3.93
N GLU D 80 12.70 15.50 -7.80
CA GLU D 80 12.54 15.07 -9.18
CA GLU D 80 12.60 15.12 -9.20
C GLU D 80 13.68 14.09 -9.47
N ALA D 81 14.82 14.26 -8.79
CA ALA D 81 15.90 13.32 -9.02
C ALA D 81 15.54 11.92 -8.45
N VAL D 82 15.07 11.86 -7.20
CA VAL D 82 14.40 10.64 -6.65
C VAL D 82 13.37 10.04 -7.62
N ASP D 83 12.54 10.92 -8.19
CA ASP D 83 11.42 10.47 -8.97
C ASP D 83 11.80 10.03 -10.37
N ARG D 84 12.81 10.68 -10.96
CA ARG D 84 13.03 10.56 -12.42
C ARG D 84 14.44 10.09 -12.80
N ALA D 85 15.35 10.13 -11.84
CA ALA D 85 16.77 10.01 -12.19
C ALA D 85 17.47 8.99 -11.29
N ASN D 86 16.65 8.15 -10.67
CA ASN D 86 17.09 7.07 -9.81
C ASN D 86 17.91 7.56 -8.63
N GLY D 87 17.58 8.74 -8.10
CA GLY D 87 18.34 9.31 -7.01
C GLY D 87 17.89 8.93 -5.61
N GLN D 88 18.73 9.23 -4.62
CA GLN D 88 18.34 9.02 -3.24
C GLN D 88 19.04 10.01 -2.36
N VAL D 89 18.34 10.60 -1.39
CA VAL D 89 18.97 11.45 -0.37
C VAL D 89 19.74 10.65 0.67
N PHE D 90 20.81 11.23 1.20
CA PHE D 90 21.62 10.57 2.21
C PHE D 90 22.20 11.53 3.26
N ALA D 91 22.17 12.82 2.97
CA ALA D 91 22.74 13.84 3.87
C ALA D 91 21.98 15.16 3.65
N GLN D 92 22.04 16.06 4.62
CA GLN D 92 21.34 17.35 4.58
C GLN D 92 22.28 18.42 5.08
N THR D 93 22.26 19.56 4.40
CA THR D 93 23.11 20.66 4.73
C THR D 93 22.62 21.35 5.99
N VAL D 94 23.56 21.95 6.71
CA VAL D 94 23.29 22.65 7.95
C VAL D 94 23.87 24.05 7.83
N ALA D 95 23.02 25.05 8.02
CA ALA D 95 23.47 26.44 7.98
C ALA D 95 24.48 26.77 9.10
N ALA D 96 25.45 27.60 8.73
CA ALA D 96 26.63 27.86 9.54
C ALA D 96 26.35 28.90 10.61
N ASP D 97 25.32 29.69 10.39
CA ASP D 97 24.98 30.76 11.32
C ASP D 97 23.87 30.33 12.26
N GLY D 98 23.53 29.03 12.20
CA GLY D 98 22.58 28.42 13.12
C GLY D 98 21.14 28.24 12.67
N SER D 99 20.79 28.61 11.42
CA SER D 99 19.39 28.55 11.01
C SER D 99 18.90 27.12 10.81
N PRO D 100 17.62 26.86 11.14
CA PRO D 100 17.03 25.53 10.93
C PRO D 100 16.60 25.28 9.47
N GLY D 101 16.94 26.21 8.58
CA GLY D 101 16.65 26.12 7.16
C GLY D 101 16.81 27.50 6.54
N TYR D 102 16.08 27.75 5.46
CA TYR D 102 16.21 29.01 4.75
C TYR D 102 14.83 29.45 4.22
N TRP D 103 14.75 30.58 3.55
CA TRP D 103 13.45 31.18 3.21
C TRP D 103 13.47 31.69 1.78
N SER D 104 12.38 31.48 1.04
CA SER D 104 12.16 32.20 -0.20
C SER D 104 11.83 33.70 0.05
N VAL D 105 12.14 34.56 -0.93
CA VAL D 105 11.82 35.99 -0.86
C VAL D 105 11.50 36.56 -2.22
N LEU D 106 10.77 37.69 -2.22
CA LEU D 106 10.68 38.59 -3.38
C LEU D 106 11.55 39.78 -3.11
N ILE D 107 12.29 40.18 -4.13
CA ILE D 107 13.19 41.35 -4.03
C ILE D 107 12.84 42.39 -5.12
N VAL D 108 13.00 43.68 -4.78
CA VAL D 108 12.92 44.79 -5.73
C VAL D 108 14.13 45.66 -5.44
N ASN D 109 14.38 46.66 -6.27
CA ASN D 109 15.44 47.65 -6.00
C ASN D 109 15.05 48.55 -4.84
N LYS D 110 16.03 48.97 -4.04
CA LYS D 110 15.80 49.96 -2.98
C LYS D 110 15.15 51.26 -3.45
N ASP D 111 15.34 51.62 -4.73
CA ASP D 111 14.67 52.78 -5.33
C ASP D 111 13.17 52.65 -5.42
N SER D 112 12.68 51.40 -5.34
CA SER D 112 11.28 51.09 -5.64
C SER D 112 10.34 51.55 -4.57
N PRO D 113 9.21 52.15 -4.97
CA PRO D 113 8.14 52.47 -4.04
C PRO D 113 7.36 51.22 -3.61
N ILE D 114 7.57 50.08 -4.28
CA ILE D 114 6.98 48.81 -3.86
C ILE D 114 7.63 48.30 -2.55
N ASN D 115 6.76 48.09 -1.55
CA ASN D 115 7.18 47.70 -0.21
C ASN D 115 6.62 46.40 0.33
N ASN D 116 5.61 45.85 -0.33
CA ASN D 116 5.00 44.61 0.09
C ASN D 116 4.26 43.94 -1.05
N LEU D 117 3.66 42.79 -0.75
CA LEU D 117 3.04 41.94 -1.79
C LEU D 117 1.84 42.60 -2.42
N ASN D 118 1.07 43.31 -1.59
CA ASN D 118 -0.22 43.85 -1.99
C ASN D 118 0.10 45.02 -2.91
N ASP D 119 1.11 45.83 -2.54
CA ASP D 119 1.68 46.84 -3.45
C ASP D 119 2.12 46.24 -4.84
N LEU D 120 2.81 45.11 -4.80
CA LEU D 120 3.41 44.53 -6.00
C LEU D 120 2.36 44.11 -7.03
N LEU D 121 1.29 43.48 -6.53
CA LEU D 121 0.23 42.91 -7.36
C LEU D 121 -0.61 44.00 -8.00
N ALA D 122 -0.83 45.06 -7.25
CA ALA D 122 -1.54 46.22 -7.70
C ALA D 122 -0.90 46.82 -8.95
N LYS D 123 0.43 46.72 -9.03
CA LYS D 123 1.20 47.34 -10.13
C LYS D 123 1.82 46.37 -11.14
N ARG D 124 1.48 45.08 -11.05
CA ARG D 124 2.13 44.03 -11.84
C ARG D 124 2.18 44.29 -13.36
N LYS D 125 1.13 44.91 -13.88
CA LYS D 125 1.04 45.32 -15.28
C LYS D 125 2.24 46.14 -15.75
N ASP D 126 2.76 46.99 -14.87
CA ASP D 126 3.85 47.86 -15.25
C ASP D 126 5.23 47.37 -14.88
N LEU D 127 5.32 46.13 -14.40
CA LEU D 127 6.54 45.62 -13.80
C LEU D 127 7.04 44.34 -14.46
N THR D 128 8.36 44.19 -14.55
CA THR D 128 8.91 42.98 -15.14
C THR D 128 9.34 42.00 -14.05
N PHE D 129 9.20 40.70 -14.36
CA PHE D 129 9.34 39.66 -13.35
C PHE D 129 10.42 38.67 -13.66
N GLY D 130 11.40 38.57 -12.77
CA GLY D 130 12.41 37.51 -12.85
C GLY D 130 11.87 36.33 -12.08
N ASN D 131 11.32 35.32 -12.77
CA ASN D 131 10.85 34.09 -12.12
C ASN D 131 12.05 33.19 -12.01
N GLY D 132 11.92 32.13 -11.21
CA GLY D 132 13.06 31.24 -10.92
C GLY D 132 13.26 30.08 -11.84
N ASP D 133 14.34 29.31 -11.58
CA ASP D 133 14.63 28.08 -12.32
C ASP D 133 13.41 27.28 -12.02
N PRO D 134 12.79 26.67 -13.05
CA PRO D 134 11.55 25.97 -12.86
C PRO D 134 11.70 24.72 -11.97
N ASN D 135 12.92 24.30 -11.66
CA ASN D 135 13.09 23.21 -10.73
C ASN D 135 13.61 23.70 -9.37
N SER D 136 13.45 25.01 -9.11
CA SER D 136 13.96 25.60 -7.88
C SER D 136 12.86 25.72 -6.83
N THR D 137 13.17 25.35 -5.57
CA THR D 137 12.22 25.31 -4.48
C THR D 137 11.80 26.73 -4.19
N SER D 138 12.75 27.57 -3.84
CA SER D 138 12.46 28.92 -3.42
C SER D 138 12.31 29.83 -4.67
N GLY D 139 12.93 29.46 -5.76
CA GLY D 139 12.95 30.36 -6.92
C GLY D 139 11.69 30.26 -7.75
N PHE D 140 11.00 29.11 -7.63
CA PHE D 140 9.84 28.81 -8.47
C PHE D 140 8.69 28.24 -7.68
N LEU D 141 8.91 27.11 -7.03
CA LEU D 141 7.74 26.40 -6.42
C LEU D 141 7.11 27.17 -5.26
N VAL D 142 7.91 27.58 -4.28
CA VAL D 142 7.37 28.29 -3.12
C VAL D 142 6.63 29.63 -3.43
N PRO D 143 7.29 30.57 -4.16
CA PRO D 143 6.51 31.72 -4.63
C PRO D 143 5.39 31.29 -5.64
N GLY D 144 5.63 30.27 -6.47
CA GLY D 144 4.62 29.74 -7.38
C GLY D 144 3.26 29.53 -6.72
N TYR D 145 3.27 29.05 -5.49
CA TYR D 145 2.05 28.81 -4.74
C TYR D 145 1.58 30.05 -3.91
N TYR D 146 2.40 30.49 -2.96
CA TYR D 146 2.00 31.57 -2.01
C TYR D 146 1.81 32.90 -2.66
N VAL D 147 2.49 33.15 -3.77
CA VAL D 147 2.34 34.44 -4.44
C VAL D 147 1.38 34.30 -5.64
N PHE D 148 1.64 33.37 -6.53
CA PHE D 148 0.81 33.30 -7.71
C PHE D 148 -0.46 32.48 -7.49
N ALA D 149 -0.34 31.18 -7.18
CA ALA D 149 -1.52 30.31 -7.16
C ALA D 149 -2.61 30.82 -6.21
N LYS D 150 -2.21 31.26 -5.03
CA LYS D 150 -3.13 31.79 -4.04
C LYS D 150 -3.81 33.08 -4.53
N ASN D 151 -3.11 33.87 -5.34
CA ASN D 151 -3.68 35.15 -5.78
C ASN D 151 -4.36 35.06 -7.10
N ASN D 152 -4.48 33.84 -7.61
CA ASN D 152 -5.04 33.58 -8.92
C ASN D 152 -4.46 34.52 -9.99
N ILE D 153 -3.14 34.54 -10.07
CA ILE D 153 -2.38 35.18 -11.14
C ILE D 153 -1.17 34.32 -11.48
N SER D 154 -0.67 34.44 -12.69
CA SER D 154 0.57 33.79 -13.11
C SER D 154 1.62 34.82 -13.49
N ALA D 155 2.84 34.35 -13.69
CA ALA D 155 3.97 35.19 -14.07
C ALA D 155 3.69 36.06 -15.30
N SER D 156 3.03 35.46 -16.28
CA SER D 156 2.69 36.09 -17.55
C SER D 156 1.73 37.25 -17.42
N ASP D 157 1.29 37.55 -16.21
CA ASP D 157 0.49 38.75 -15.93
C ASP D 157 1.31 39.99 -15.79
N PHE D 158 2.55 39.84 -15.36
CA PHE D 158 3.47 40.97 -15.25
C PHE D 158 3.71 41.48 -16.65
N LYS D 159 4.33 42.66 -16.74
CA LYS D 159 4.71 43.29 -18.01
C LYS D 159 5.41 42.24 -18.86
N ARG D 160 6.52 41.70 -18.36
CA ARG D 160 7.23 40.57 -18.97
C ARG D 160 7.76 39.63 -17.86
N THR D 161 8.00 38.37 -18.23
CA THR D 161 8.58 37.42 -17.29
C THR D 161 9.74 36.67 -17.92
N VAL D 162 10.76 36.40 -17.10
CA VAL D 162 11.90 35.58 -17.47
C VAL D 162 12.16 34.51 -16.41
N ASN D 163 12.66 33.33 -16.81
CA ASN D 163 13.14 32.36 -15.81
C ASN D 163 14.69 32.42 -15.74
N ALA D 164 15.22 32.65 -14.53
CA ALA D 164 16.67 32.64 -14.34
C ALA D 164 17.13 32.10 -12.94
N GLY D 165 18.43 31.86 -12.75
CA GLY D 165 18.92 31.32 -11.46
C GLY D 165 19.09 32.45 -10.46
N HIS D 166 19.31 32.13 -9.18
CA HIS D 166 19.21 33.11 -8.08
C HIS D 166 20.15 34.36 -8.16
N GLU D 167 21.44 34.14 -8.46
CA GLU D 167 22.40 35.23 -8.56
C GLU D 167 22.05 36.13 -9.74
N THR D 168 21.68 35.50 -10.85
CA THR D 168 21.22 36.24 -11.98
C THR D 168 20.02 37.16 -11.70
N ASN D 169 18.96 36.62 -11.08
CA ASN D 169 17.78 37.40 -10.73
C ASN D 169 18.14 38.52 -9.74
N ALA D 170 18.98 38.22 -8.75
CA ALA D 170 19.41 39.29 -7.82
C ALA D 170 20.27 40.37 -8.50
N LEU D 171 21.15 39.97 -9.41
CA LEU D 171 21.95 41.00 -10.11
C LEU D 171 21.02 41.83 -11.01
N ALA D 172 20.08 41.17 -11.66
CA ALA D 172 19.14 41.88 -12.51
C ALA D 172 18.32 42.93 -11.76
N VAL D 173 18.01 42.66 -10.48
CA VAL D 173 17.19 43.54 -9.70
C VAL D 173 18.05 44.74 -9.23
N ALA D 174 19.27 44.46 -8.81
CA ALA D 174 20.24 45.50 -8.50
C ALA D 174 20.46 46.41 -9.73
N ASN D 175 20.51 45.80 -10.91
CA ASN D 175 20.81 46.53 -12.14
C ASN D 175 19.62 47.20 -12.84
N LYS D 176 18.44 47.08 -12.24
CA LYS D 176 17.23 47.59 -12.87
C LYS D 176 16.94 46.98 -14.24
N GLN D 177 17.37 45.74 -14.45
CA GLN D 177 17.00 44.96 -15.66
C GLN D 177 15.66 44.23 -15.49
N VAL D 178 15.28 44.04 -14.24
CA VAL D 178 13.99 43.50 -13.89
C VAL D 178 13.53 44.24 -12.63
N ASP D 179 12.22 44.33 -12.43
CA ASP D 179 11.63 45.12 -11.35
C ASP D 179 11.54 44.32 -10.04
N VAL D 180 11.28 43.04 -10.17
CA VAL D 180 11.06 42.20 -9.01
C VAL D 180 11.48 40.80 -9.40
N ALA D 181 12.08 40.09 -8.46
CA ALA D 181 12.35 38.71 -8.76
C ALA D 181 12.26 37.86 -7.49
N THR D 182 12.25 36.55 -7.68
CA THR D 182 12.35 35.54 -6.62
C THR D 182 13.84 35.39 -6.28
N ASN D 183 14.08 35.07 -5.00
CA ASN D 183 15.37 34.67 -4.52
C ASN D 183 15.23 33.92 -3.20
N ASN D 184 16.29 33.94 -2.38
CA ASN D 184 16.27 33.19 -1.11
C ASN D 184 17.34 33.79 -0.23
N THR D 185 17.22 33.60 1.09
CA THR D 185 18.16 34.20 2.04
C THR D 185 19.61 33.68 1.91
N GLU D 186 19.80 32.47 1.41
CA GLU D 186 21.19 31.98 1.28
C GLU D 186 21.90 32.71 0.16
N ASN D 187 21.24 32.86 -0.98
CA ASN D 187 21.85 33.56 -2.10
C ASN D 187 22.15 35.03 -1.85
N LEU D 188 21.25 35.72 -1.16
CA LEU D 188 21.56 37.07 -0.74
C LEU D 188 22.83 37.15 0.11
N ASP D 189 22.98 36.27 1.09
CA ASP D 189 24.23 36.28 1.86
C ASP D 189 25.46 35.86 1.01
N LYS D 190 25.26 34.98 0.03
CA LYS D 190 26.31 34.72 -0.96
C LYS D 190 26.75 36.00 -1.69
N LEU D 191 25.83 36.94 -1.85
CA LEU D 191 26.14 38.20 -2.56
C LEU D 191 27.04 39.16 -1.75
N LYS D 192 26.99 39.05 -0.42
CA LYS D 192 27.97 39.72 0.47
C LYS D 192 29.40 39.47 0.02
N THR D 193 29.65 38.29 -0.54
CA THR D 193 30.98 37.88 -0.90
C THR D 193 31.28 38.13 -2.38
N SER D 194 30.30 37.83 -3.24
CA SER D 194 30.51 37.89 -4.68
C SER D 194 30.17 39.25 -5.30
N ALA D 195 29.25 40.01 -4.72
CA ALA D 195 28.98 41.38 -5.20
C ALA D 195 28.45 42.38 -4.15
N PRO D 196 29.29 42.73 -3.15
CA PRO D 196 28.81 43.53 -2.03
C PRO D 196 28.01 44.77 -2.41
N GLU D 197 28.49 45.56 -3.37
CA GLU D 197 27.80 46.80 -3.74
C GLU D 197 26.43 46.54 -4.39
N LYS D 198 26.26 45.35 -4.97
CA LYS D 198 25.01 44.99 -5.61
C LYS D 198 24.00 44.55 -4.55
N LEU D 199 24.44 43.82 -3.53
CA LEU D 199 23.55 43.50 -2.41
C LEU D 199 22.95 44.76 -1.76
N LYS D 200 23.74 45.82 -1.66
CA LYS D 200 23.27 46.97 -0.90
C LYS D 200 22.13 47.73 -1.61
N GLU D 201 21.85 47.25 -2.82
CA GLU D 201 20.82 47.76 -3.69
C GLU D 201 19.46 47.05 -3.56
N LEU D 202 19.38 45.98 -2.77
CA LEU D 202 18.16 45.15 -2.69
C LEU D 202 17.29 45.33 -1.43
N LYS D 203 15.99 45.22 -1.64
CA LYS D 203 14.92 45.35 -0.62
C LYS D 203 14.10 44.08 -0.69
N VAL D 204 13.87 43.45 0.45
CA VAL D 204 12.99 42.30 0.51
C VAL D 204 11.62 42.86 0.83
N ILE D 205 10.61 42.45 0.07
CA ILE D 205 9.23 42.89 0.26
C ILE D 205 8.27 41.74 0.64
N TRP D 206 8.76 40.49 0.59
CA TRP D 206 7.97 39.27 0.96
C TRP D 206 8.93 38.13 1.31
N LYS D 207 8.53 37.29 2.28
CA LYS D 207 9.32 36.13 2.69
C LYS D 207 8.41 34.95 2.95
N SER D 208 8.88 33.73 2.64
CA SER D 208 8.04 32.52 2.70
C SER D 208 8.01 31.89 4.13
N PRO D 209 7.30 30.77 4.29
CA PRO D 209 7.58 29.92 5.46
C PRO D 209 8.96 29.23 5.33
N LEU D 210 9.51 28.73 6.46
CA LEU D 210 10.84 28.09 6.44
C LEU D 210 10.90 26.94 5.44
N ILE D 211 12.03 26.79 4.76
CA ILE D 211 12.30 25.68 3.87
C ILE D 211 13.42 24.88 4.52
N PRO D 212 13.35 23.53 4.46
CA PRO D 212 14.42 22.72 5.08
C PRO D 212 15.70 22.79 4.28
N GLY D 213 16.83 22.69 4.99
CA GLY D 213 18.18 22.65 4.40
C GLY D 213 18.24 21.77 3.15
N ASP D 214 19.10 22.17 2.21
CA ASP D 214 19.29 21.45 0.95
C ASP D 214 19.84 20.06 1.25
N PRO D 215 19.45 19.03 0.47
CA PRO D 215 20.02 17.71 0.64
C PRO D 215 21.23 17.45 -0.27
N ILE D 216 21.92 16.33 -0.01
CA ILE D 216 22.87 15.69 -0.95
C ILE D 216 22.31 14.34 -1.39
N VAL D 217 22.37 14.07 -2.68
CA VAL D 217 21.73 12.93 -3.33
C VAL D 217 22.71 12.10 -4.19
N TRP D 218 22.68 10.78 -4.04
CA TRP D 218 23.46 9.96 -4.98
C TRP D 218 22.57 9.23 -5.93
N ARG D 219 23.15 8.74 -7.02
CA ARG D 219 22.37 7.89 -7.89
C ARG D 219 22.51 6.50 -7.36
N LYS D 220 21.43 5.73 -7.41
CA LYS D 220 21.41 4.39 -6.84
C LYS D 220 22.25 3.29 -7.54
N ASN D 221 22.65 3.53 -8.79
CA ASN D 221 23.36 2.52 -9.57
C ASN D 221 24.87 2.78 -9.69
N LEU D 222 25.32 3.66 -8.82
CA LEU D 222 26.63 3.52 -8.25
C LEU D 222 26.73 2.15 -7.58
N SER D 223 27.96 1.65 -7.48
CA SER D 223 28.22 0.52 -6.62
C SER D 223 28.01 0.85 -5.12
N GLU D 224 27.91 -0.24 -4.35
CA GLU D 224 27.63 -0.19 -2.94
C GLU D 224 28.86 0.32 -2.22
N THR D 225 30.02 -0.20 -2.59
CA THR D 225 31.25 0.12 -1.89
C THR D 225 31.60 1.60 -2.08
N THR D 226 31.33 2.13 -3.26
CA THR D 226 31.53 3.57 -3.49
C THR D 226 30.47 4.38 -2.74
N LYS D 227 29.25 3.84 -2.64
CA LYS D 227 28.18 4.44 -1.79
C LYS D 227 28.66 4.49 -0.36
N ASP D 228 28.96 3.31 0.18
CA ASP D 228 29.58 3.15 1.48
C ASP D 228 30.58 4.28 1.68
N LYS D 229 31.50 4.47 0.72
CA LYS D 229 32.59 5.47 0.77
C LYS D 229 32.10 6.94 0.84
N ILE D 230 31.14 7.27 -0.03
CA ILE D 230 30.62 8.64 -0.14
C ILE D 230 29.99 9.09 1.19
N TYR D 231 29.28 8.17 1.86
CA TYR D 231 28.57 8.47 3.12
C TYR D 231 29.49 8.95 4.22
N ASP D 232 30.57 8.19 4.41
CA ASP D 232 31.50 8.41 5.51
C ASP D 232 32.27 9.68 5.30
N PHE D 233 32.60 10.01 4.06
CA PHE D 233 33.15 11.36 3.88
C PHE D 233 32.23 12.46 4.47
N PHE D 234 31.00 12.53 3.96
CA PHE D 234 30.01 13.54 4.36
C PHE D 234 29.65 13.50 5.83
N MSE D 235 29.51 12.28 6.36
CA MSE D 235 29.31 12.13 7.81
C MSE D 235 30.50 12.62 8.64
O MSE D 235 30.32 13.18 9.72
CB MSE D 235 28.94 10.69 8.18
CG MSE D 235 27.54 10.23 7.75
SE MSE D 235 26.02 11.45 8.01
CE MSE D 235 26.47 12.31 9.73
N ASN D 236 31.71 12.45 8.11
CA ASN D 236 32.94 12.80 8.84
C ASN D 236 33.52 14.22 8.60
N TYR D 237 33.23 14.79 7.43
CA TYR D 237 33.86 16.05 7.01
C TYR D 237 33.58 17.23 7.92
N GLY D 238 34.51 18.17 7.92
CA GLY D 238 34.36 19.42 8.65
C GLY D 238 34.60 19.29 10.14
N LYS D 239 35.17 18.15 10.53
CA LYS D 239 35.60 17.85 11.91
C LYS D 239 36.86 18.65 12.26
N THR D 240 37.89 18.50 11.41
CA THR D 240 39.14 19.28 11.51
C THR D 240 38.88 20.74 11.16
N PRO D 241 39.50 21.69 11.87
CA PRO D 241 39.33 23.12 11.57
C PRO D 241 39.55 23.53 10.11
N GLU D 242 40.40 22.79 9.38
CA GLU D 242 40.65 23.07 7.96
C GLU D 242 39.38 22.80 7.14
N GLU D 243 38.80 21.61 7.38
CA GLU D 243 37.56 21.18 6.78
C GLU D 243 36.36 22.05 7.20
N LYS D 244 36.47 22.71 8.34
CA LYS D 244 35.42 23.62 8.81
C LYS D 244 35.47 24.95 8.07
N ALA D 245 36.65 25.32 7.61
CA ALA D 245 36.85 26.57 6.92
C ALA D 245 36.15 26.46 5.59
N VAL D 246 36.32 25.29 4.98
CA VAL D 246 35.78 25.00 3.66
C VAL D 246 34.27 25.19 3.65
N LEU D 247 33.59 24.58 4.63
CA LEU D 247 32.13 24.68 4.76
C LEU D 247 31.74 26.07 5.14
N GLU D 248 32.52 26.71 6.01
CA GLU D 248 32.25 28.10 6.35
C GLU D 248 32.08 28.98 5.11
N ARG D 249 32.96 28.78 4.14
CA ARG D 249 32.95 29.58 2.93
C ARG D 249 31.76 29.18 2.03
N LEU D 250 31.35 27.91 2.12
CA LEU D 250 30.13 27.43 1.44
C LEU D 250 28.87 27.76 2.26
N GLY D 251 29.05 28.39 3.43
CA GLY D 251 27.93 28.76 4.32
C GLY D 251 27.35 27.62 5.17
N TRP D 252 28.12 26.55 5.32
CA TRP D 252 27.54 25.40 5.97
C TRP D 252 28.28 25.10 7.25
N ALA D 253 27.62 24.34 8.14
CA ALA D 253 28.30 23.62 9.20
C ALA D 253 28.36 22.13 8.83
N PRO D 254 28.86 21.26 9.74
CA PRO D 254 28.86 19.83 9.43
C PRO D 254 27.51 19.29 8.94
N PHE D 255 27.55 18.31 8.05
CA PHE D 255 26.35 17.73 7.51
C PHE D 255 25.63 16.88 8.53
N ARG D 256 24.38 16.54 8.23
CA ARG D 256 23.68 15.57 9.06
C ARG D 256 23.12 14.47 8.15
N ALA D 257 23.01 13.24 8.68
CA ALA D 257 22.40 12.13 7.98
C ALA D 257 21.01 12.56 7.62
N SER D 258 20.47 12.01 6.54
CA SER D 258 19.16 12.39 6.09
C SER D 258 18.75 11.30 5.19
N SER D 259 17.61 11.48 4.54
CA SER D 259 17.01 10.48 3.63
C SER D 259 15.89 11.18 2.88
N ASP D 260 15.29 10.47 1.92
CA ASP D 260 14.12 10.87 1.16
C ASP D 260 12.99 11.51 1.99
N LEU D 261 12.93 11.20 3.29
CA LEU D 261 11.89 11.75 4.18
C LEU D 261 11.94 13.27 4.40
N GLN D 262 13.09 13.89 4.13
CA GLN D 262 13.18 15.36 4.26
C GLN D 262 12.38 16.06 3.15
N LEU D 263 12.02 15.31 2.10
CA LEU D 263 11.30 15.85 0.95
C LEU D 263 9.79 16.05 1.20
N VAL D 264 9.28 15.39 2.25
CA VAL D 264 7.85 15.24 2.46
C VAL D 264 7.09 16.53 2.43
N PRO D 265 7.52 17.55 3.21
CA PRO D 265 6.84 18.84 3.20
C PRO D 265 6.82 19.46 1.81
N ILE D 266 7.91 19.29 1.03
CA ILE D 266 7.99 19.83 -0.33
C ILE D 266 7.09 19.03 -1.30
N ARG D 267 7.09 17.70 -1.24
CA ARG D 267 6.06 16.91 -1.91
C ARG D 267 4.66 17.33 -1.51
N GLN D 268 4.49 17.86 -0.29
CA GLN D 268 3.19 18.41 0.09
C GLN D 268 2.85 19.66 -0.68
N LEU D 269 3.77 20.60 -0.66
CA LEU D 269 3.68 21.81 -1.41
C LEU D 269 3.43 21.55 -2.89
N ALA D 270 4.16 20.60 -3.51
CA ALA D 270 3.95 20.31 -4.93
C ALA D 270 2.52 19.91 -5.21
N LEU D 271 1.94 19.10 -4.33
CA LEU D 271 0.52 18.73 -4.45
C LEU D 271 -0.50 19.84 -4.19
N PHE D 272 -0.24 20.73 -3.23
CA PHE D 272 -1.14 21.85 -2.92
C PHE D 272 -1.36 22.63 -4.22
N LYS D 273 -0.27 23.12 -4.79
CA LYS D 273 -0.29 23.89 -6.04
C LYS D 273 -1.18 23.22 -7.09
N GLU D 274 -0.84 21.99 -7.45
CA GLU D 274 -1.63 21.11 -8.36
C GLU D 274 -3.15 21.17 -8.14
N MSE D 275 -3.58 21.70 -6.99
CA MSE D 275 -4.98 22.05 -6.72
C MSE D 275 -5.12 23.55 -6.51
O MSE D 275 -6.09 24.17 -6.95
CB MSE D 275 -5.49 21.30 -5.48
CG MSE D 275 -5.44 19.78 -5.55
SE MSE D 275 -5.53 18.97 -3.75
CE MSE D 275 -5.50 17.04 -4.22
N GLN D 297 -6.51 13.42 -3.33
CA GLN D 297 -6.67 13.88 -1.96
C GLN D 297 -6.22 12.79 -0.99
N ALA D 298 -6.36 11.53 -1.42
CA ALA D 298 -5.93 10.38 -0.62
C ALA D 298 -4.44 10.49 -0.31
N GLN D 299 -3.67 10.81 -1.35
CA GLN D 299 -2.22 11.03 -1.20
C GLN D 299 -1.91 12.20 -0.30
N LEU D 300 -2.67 13.29 -0.39
CA LEU D 300 -2.44 14.43 0.53
C LEU D 300 -2.54 14.04 2.01
N ASP D 301 -3.66 13.39 2.34
CA ASP D 301 -3.90 12.77 3.63
C ASP D 301 -2.75 11.85 4.09
N ASP D 302 -2.37 10.87 3.25
CA ASP D 302 -1.19 10.01 3.53
C ASP D 302 0.00 10.86 3.91
N LEU D 303 0.33 11.82 3.03
CA LEU D 303 1.49 12.67 3.20
C LEU D 303 1.37 13.54 4.45
N ASP D 304 0.19 14.08 4.69
CA ASP D 304 0.01 14.95 5.84
C ASP D 304 0.26 14.21 7.16
N ARG D 305 -0.31 13.01 7.34
CA ARG D 305 -0.11 12.30 8.61
C ARG D 305 1.34 11.94 8.81
N LEU D 306 2.00 11.51 7.73
CA LEU D 306 3.47 11.26 7.72
C LEU D 306 4.30 12.49 8.14
N ASN D 307 3.95 13.67 7.61
CA ASN D 307 4.65 14.87 8.02
C ASN D 307 4.52 15.08 9.52
N ASN D 308 3.30 14.88 10.05
CA ASN D 308 3.00 14.95 11.48
C ASN D 308 3.89 13.99 12.26
N ALA D 309 3.96 12.74 11.81
CA ALA D 309 4.82 11.74 12.47
C ALA D 309 6.30 12.19 12.50
N LEU D 310 6.83 12.51 11.31
CA LEU D 310 8.21 13.00 11.17
C LEU D 310 8.44 14.21 12.09
N SER D 311 7.44 15.05 12.25
CA SER D 311 7.63 16.21 13.11
C SER D 311 7.54 15.92 14.61
N ALA D 312 6.84 14.85 15.00
CA ALA D 312 6.71 14.51 16.43
C ALA D 312 7.84 13.64 17.01
N MSE D 313 8.68 13.07 16.14
CA MSE D 313 9.66 12.07 16.58
C MSE D 313 10.60 12.67 17.57
O MSE D 313 11.08 13.78 17.36
CB MSE D 313 10.47 11.52 15.42
CG MSE D 313 9.97 10.16 14.98
SE MSE D 313 10.72 9.68 13.24
CE MSE D 313 10.44 7.71 13.38
N SER D 314 10.81 11.95 18.67
CA SER D 314 11.84 12.27 19.66
C SER D 314 12.25 11.00 20.42
N SER D 315 11.70 9.85 20.00
CA SER D 315 12.20 8.53 20.42
C SER D 315 13.44 8.17 19.57
N VAL D 316 13.72 6.88 19.35
CA VAL D 316 15.03 6.52 18.80
C VAL D 316 16.02 6.59 19.99
N SER D 317 17.16 5.86 19.97
CA SER D 317 17.44 4.73 19.06
C SER D 317 18.15 3.71 19.91
N LYS D 318 19.47 3.67 19.74
CA LYS D 318 20.32 2.55 20.14
C LYS D 318 20.52 1.55 18.97
N ALA D 319 19.47 0.80 18.57
CA ALA D 319 19.61 -0.32 17.60
C ALA D 319 20.90 -1.11 17.91
N VAL D 320 20.91 -1.73 19.08
CA VAL D 320 22.13 -2.28 19.66
C VAL D 320 22.48 -3.71 19.18
N GLN D 321 23.59 -3.82 18.46
CA GLN D 321 24.25 -5.09 18.19
C GLN D 321 24.45 -5.83 19.50
P UNL E . 11.03 -12.48 -15.27
O1 UNL E . 10.82 -13.17 -13.92
O2 UNL E . 12.12 -13.11 -16.06
O3 UNL E . 9.75 -12.58 -16.09
O4 UNL E . 11.29 -11.03 -15.07
P UNL F . -32.35 -5.76 -3.99
O1 UNL F . -31.99 -5.82 -2.52
O2 UNL F . -31.95 -4.37 -4.46
O3 UNL F . -31.56 -6.76 -4.82
O4 UNL F . -33.83 -5.81 -4.20
P UNL G . 5.43 -6.49 23.66
O1 UNL G . 4.86 -7.72 24.35
O2 UNL G . 6.77 -6.26 24.29
O3 UNL G . 5.49 -6.82 22.15
O4 UNL G . 4.45 -5.36 23.95
P UNL H . 16.51 26.07 -4.32
O1 UNL H . 15.68 26.90 -3.39
O2 UNL H . 17.85 25.78 -3.62
O3 UNL H . 15.83 24.81 -4.73
O4 UNL H . 16.70 26.80 -5.62
#